data_3BTL
#
_entry.id   3BTL
#
_cell.length_a   171.790
_cell.length_b   171.790
_cell.length_c   94.760
_cell.angle_alpha   90.00
_cell.angle_beta   90.00
_cell.angle_gamma   90.00
#
_symmetry.space_group_name_H-M   'P 42 21 2'
#
loop_
_entity.id
_entity.type
_entity.pdbx_description
1 polymer 'HTH-type transcriptional regulator qacR'
2 non-polymer 'SULFATE ION'
3 non-polymer 'MALACHITE GREEN'
#
_entity_poly.entity_id   1
_entity_poly.type   'polypeptide(L)'
_entity_poly.pdbx_seq_one_letter_code
;MNLKDKILGVAKELFIKNGYNATTTGEIVKLSESSKGNLYYHFKTKENLFLEILNIEQSKWQEQWKKEQIKAKTNREKFY
LYNELSLTTEYYYPLQNAIIEFYTEYYKTNSINEKMNKLENKYIDAYHVIFKEGNLNGEWSINDVNAVSKIAANAVNGIV
TFTHEQNINERIKLMNKFSQIFLNGLSK
;
_entity_poly.pdbx_strand_id   B,D,A,E
#
loop_
_chem_comp.id
_chem_comp.type
_chem_comp.name
_chem_comp.formula
MGR non-polymer 'MALACHITE GREEN' 'C23 H25 N2 1'
SO4 non-polymer 'SULFATE ION' 'O4 S -2'
#
# COMPACT_ATOMS: atom_id res chain seq x y z
N ASN A 2 39.83 3.45 -33.95
CA ASN A 2 40.22 2.04 -33.66
C ASN A 2 38.95 1.18 -33.59
N LEU A 3 39.03 0.03 -32.91
CA LEU A 3 37.87 -0.85 -32.76
C LEU A 3 37.94 -1.60 -31.44
N LYS A 4 39.10 -2.19 -31.16
CA LYS A 4 39.30 -2.92 -29.91
C LYS A 4 39.34 -1.90 -28.77
N ASP A 5 39.55 -0.64 -29.13
CA ASP A 5 39.60 0.46 -28.18
C ASP A 5 38.42 1.41 -28.41
N LYS A 6 37.53 1.04 -29.33
CA LYS A 6 36.36 1.85 -29.60
C LYS A 6 35.19 1.16 -28.91
N ILE A 7 35.30 -0.16 -28.82
CA ILE A 7 34.29 -0.96 -28.14
C ILE A 7 34.35 -0.50 -26.70
N LEU A 8 35.51 -0.68 -26.09
CA LEU A 8 35.74 -0.28 -24.72
C LEU A 8 35.15 1.10 -24.46
N GLY A 9 35.26 1.99 -25.44
CA GLY A 9 34.73 3.34 -25.29
C GLY A 9 33.22 3.39 -25.16
N VAL A 10 32.54 2.65 -26.03
CA VAL A 10 31.09 2.62 -26.01
C VAL A 10 30.62 1.86 -24.78
N ALA A 11 31.25 0.70 -24.55
CA ALA A 11 30.91 -0.14 -23.41
C ALA A 11 30.94 0.68 -22.12
N LYS A 12 32.11 1.21 -21.76
CA LYS A 12 32.25 2.02 -20.56
C LYS A 12 31.12 3.04 -20.45
N GLU A 13 30.83 3.71 -21.56
CA GLU A 13 29.79 4.73 -21.63
C GLU A 13 28.41 4.18 -21.26
N LEU A 14 28.06 3.02 -21.82
CA LEU A 14 26.77 2.41 -21.54
C LEU A 14 26.71 1.83 -20.14
N PHE A 15 27.80 1.20 -19.70
CA PHE A 15 27.85 0.64 -18.37
C PHE A 15 27.57 1.73 -17.34
N ILE A 16 28.22 2.88 -17.51
CA ILE A 16 28.02 4.00 -16.58
C ILE A 16 26.59 4.50 -16.67
N LYS A 17 26.20 4.94 -17.86
CA LYS A 17 24.87 5.48 -18.08
C LYS A 17 23.73 4.55 -17.67
N ASN A 18 23.52 3.47 -18.43
CA ASN A 18 22.44 2.52 -18.13
C ASN A 18 22.74 1.67 -16.91
N GLY A 19 23.65 0.72 -17.06
CA GLY A 19 24.00 -0.15 -15.96
C GLY A 19 24.53 -1.46 -16.52
N TYR A 20 24.97 -2.37 -15.65
CA TYR A 20 25.50 -3.64 -16.11
C TYR A 20 24.50 -4.47 -16.90
N ASN A 21 23.49 -5.01 -16.21
CA ASN A 21 22.46 -5.83 -16.86
C ASN A 21 21.76 -5.00 -17.92
N ALA A 22 21.56 -3.72 -17.59
CA ALA A 22 20.91 -2.76 -18.48
C ALA A 22 21.49 -2.78 -19.90
N THR A 23 22.81 -2.93 -20.02
CA THR A 23 23.44 -2.97 -21.33
C THR A 23 23.90 -4.39 -21.64
N THR A 24 23.67 -4.83 -22.87
CA THR A 24 24.06 -6.17 -23.27
C THR A 24 24.97 -6.18 -24.49
N THR A 25 25.59 -7.34 -24.74
CA THR A 25 26.50 -7.53 -25.86
C THR A 25 25.87 -7.14 -27.20
N GLY A 26 24.57 -6.93 -27.22
CA GLY A 26 23.93 -6.53 -28.46
C GLY A 26 24.09 -5.05 -28.68
N GLU A 27 23.70 -4.27 -27.68
CA GLU A 27 23.79 -2.81 -27.72
C GLU A 27 25.21 -2.33 -28.00
N ILE A 28 26.17 -2.86 -27.25
CA ILE A 28 27.57 -2.49 -27.39
C ILE A 28 28.04 -2.57 -28.84
N VAL A 29 27.83 -3.71 -29.46
CA VAL A 29 28.22 -3.92 -30.84
C VAL A 29 27.44 -3.01 -31.78
N LYS A 30 26.12 -3.15 -31.81
CA LYS A 30 25.28 -2.33 -32.68
C LYS A 30 25.62 -0.84 -32.60
N LEU A 31 26.04 -0.38 -31.43
CA LEU A 31 26.36 1.03 -31.23
C LEU A 31 27.82 1.38 -31.53
N SER A 32 28.62 0.36 -31.85
CA SER A 32 30.03 0.55 -32.15
C SER A 32 30.33 0.22 -33.62
N GLU A 33 29.28 -0.01 -34.40
CA GLU A 33 29.42 -0.36 -35.81
C GLU A 33 30.32 -1.56 -36.00
N SER A 34 29.97 -2.68 -35.36
CA SER A 34 30.74 -3.91 -35.48
C SER A 34 29.82 -5.12 -35.60
N SER A 35 30.36 -6.29 -35.27
CA SER A 35 29.61 -7.53 -35.35
C SER A 35 29.79 -8.33 -34.08
N LYS A 36 28.97 -9.35 -33.90
CA LYS A 36 29.04 -10.21 -32.73
C LYS A 36 30.39 -10.93 -32.70
N GLY A 37 30.81 -11.41 -33.87
CA GLY A 37 32.07 -12.13 -33.96
C GLY A 37 33.24 -11.31 -33.44
N ASN A 38 33.11 -9.98 -33.52
CA ASN A 38 34.15 -9.07 -33.07
C ASN A 38 34.71 -9.40 -31.69
N LEU A 39 34.03 -10.31 -30.99
CA LEU A 39 34.48 -10.68 -29.66
C LEU A 39 34.77 -12.17 -29.60
N TYR A 40 35.99 -12.52 -29.20
CA TYR A 40 36.40 -13.91 -29.07
C TYR A 40 37.78 -14.09 -28.45
N TYR A 41 38.81 -13.64 -29.18
CA TYR A 41 40.20 -13.76 -28.72
C TYR A 41 40.44 -12.99 -27.42
N HIS A 42 40.22 -11.67 -27.46
CA HIS A 42 40.41 -10.81 -26.29
C HIS A 42 39.13 -10.66 -25.46
N PHE A 43 38.09 -10.08 -26.05
CA PHE A 43 36.82 -9.90 -25.34
C PHE A 43 35.89 -11.10 -25.54
N LYS A 44 36.16 -12.17 -24.80
CA LYS A 44 35.33 -13.37 -24.88
C LYS A 44 33.92 -13.03 -24.43
N THR A 45 33.71 -13.16 -23.12
CA THR A 45 32.43 -12.90 -22.48
C THR A 45 32.21 -11.43 -22.12
N LYS A 46 30.96 -11.07 -21.89
CA LYS A 46 30.59 -9.70 -21.50
C LYS A 46 31.25 -9.32 -20.18
N GLU A 47 31.24 -10.25 -19.23
CA GLU A 47 31.83 -10.00 -17.92
C GLU A 47 33.34 -9.81 -18.02
N ASN A 48 33.91 -10.23 -19.15
CA ASN A 48 35.34 -10.11 -19.37
C ASN A 48 35.59 -8.69 -19.86
N LEU A 49 34.72 -8.24 -20.74
CA LEU A 49 34.80 -6.89 -21.31
C LEU A 49 34.61 -5.86 -20.19
N PHE A 50 33.82 -6.23 -19.19
CA PHE A 50 33.54 -5.35 -18.08
C PHE A 50 34.73 -5.33 -17.14
N LEU A 51 35.18 -6.51 -16.72
CA LEU A 51 36.31 -6.62 -15.82
C LEU A 51 37.53 -5.95 -16.44
N GLU A 52 37.44 -5.72 -17.74
CA GLU A 52 38.51 -5.08 -18.50
C GLU A 52 38.43 -3.58 -18.20
N ILE A 53 37.31 -2.99 -18.60
CA ILE A 53 37.07 -1.57 -18.38
C ILE A 53 37.43 -1.13 -16.97
N LEU A 54 37.15 -2.00 -15.99
CA LEU A 54 37.43 -1.66 -14.61
C LEU A 54 38.91 -1.55 -14.37
N ASN A 55 39.68 -2.46 -14.97
CA ASN A 55 41.12 -2.46 -14.82
C ASN A 55 41.67 -1.15 -15.38
N ILE A 56 41.28 -0.83 -16.62
CA ILE A 56 41.70 0.41 -17.27
C ILE A 56 41.45 1.58 -16.35
N GLU A 57 40.17 1.86 -16.09
CA GLU A 57 39.76 2.95 -15.21
C GLU A 57 40.51 2.99 -13.88
N GLN A 58 40.78 1.82 -13.30
CA GLN A 58 41.49 1.77 -12.01
C GLN A 58 42.90 2.33 -12.20
N SER A 59 43.51 1.98 -13.31
CA SER A 59 44.86 2.45 -13.62
C SER A 59 44.83 3.94 -13.92
N LYS A 60 43.85 4.35 -14.72
CA LYS A 60 43.73 5.75 -15.08
C LYS A 60 43.52 6.63 -13.85
N TRP A 61 42.77 6.13 -12.88
CA TRP A 61 42.53 6.89 -11.67
C TRP A 61 43.76 6.86 -10.76
N GLN A 62 44.40 5.69 -10.66
CA GLN A 62 45.58 5.54 -9.81
C GLN A 62 46.77 6.34 -10.37
N GLU A 63 46.72 6.64 -11.67
CA GLU A 63 47.78 7.39 -12.32
C GLU A 63 47.55 8.88 -12.04
N GLN A 64 46.32 9.33 -12.29
CA GLN A 64 45.92 10.69 -12.03
C GLN A 64 46.28 11.04 -10.60
N TRP A 65 46.08 10.10 -9.69
CA TRP A 65 46.37 10.31 -8.28
C TRP A 65 47.83 10.61 -8.00
N LYS A 66 48.72 9.86 -8.64
CA LYS A 66 50.16 10.06 -8.44
C LYS A 66 50.62 11.37 -9.06
N LYS A 67 50.02 11.74 -10.19
CA LYS A 67 50.36 13.00 -10.84
C LYS A 67 49.68 14.15 -10.11
N GLU A 68 49.19 13.90 -8.90
CA GLU A 68 48.51 14.95 -8.17
C GLU A 68 48.72 14.96 -6.67
N GLN A 69 49.13 13.83 -6.10
CA GLN A 69 49.35 13.78 -4.66
C GLN A 69 50.52 14.68 -4.25
N ILE A 70 51.31 15.10 -5.23
CA ILE A 70 52.45 15.94 -4.95
C ILE A 70 52.04 17.25 -4.31
N LYS A 71 50.78 17.63 -4.49
CA LYS A 71 50.27 18.87 -3.90
C LYS A 71 50.02 18.66 -2.41
N ALA A 72 50.38 17.48 -1.91
CA ALA A 72 50.19 17.17 -0.50
C ALA A 72 51.51 16.73 0.12
N LYS A 73 52.01 17.56 1.03
CA LYS A 73 53.28 17.33 1.70
C LYS A 73 53.21 16.21 2.72
N THR A 74 52.33 16.35 3.71
CA THR A 74 52.17 15.32 4.72
C THR A 74 51.19 14.26 4.22
N ASN A 75 51.27 13.07 4.81
CA ASN A 75 50.36 12.00 4.44
C ASN A 75 48.98 12.32 5.01
N ARG A 76 48.95 13.05 6.12
CA ARG A 76 47.69 13.47 6.70
C ARG A 76 46.96 14.23 5.60
N GLU A 77 47.70 15.04 4.85
CA GLU A 77 47.14 15.81 3.76
C GLU A 77 46.84 14.90 2.58
N LYS A 78 47.70 13.91 2.33
CA LYS A 78 47.47 13.00 1.23
C LYS A 78 46.13 12.26 1.42
N PHE A 79 45.81 11.91 2.66
CA PHE A 79 44.55 11.22 2.96
C PHE A 79 43.36 12.09 2.54
N TYR A 80 43.29 13.31 3.09
CA TYR A 80 42.23 14.28 2.76
C TYR A 80 42.04 14.47 1.27
N LEU A 81 43.15 14.73 0.60
CA LEU A 81 43.19 14.98 -0.82
C LEU A 81 42.61 13.84 -1.63
N TYR A 82 43.16 12.64 -1.44
CA TYR A 82 42.68 11.45 -2.16
C TYR A 82 41.16 11.40 -2.12
N ASN A 83 40.60 11.50 -0.91
CA ASN A 83 39.16 11.45 -0.71
C ASN A 83 38.42 12.53 -1.52
N GLU A 84 38.90 13.78 -1.48
CA GLU A 84 38.28 14.86 -2.25
C GLU A 84 38.36 14.55 -3.74
N LEU A 85 39.55 14.23 -4.23
CA LEU A 85 39.71 13.91 -5.63
C LEU A 85 38.76 12.82 -6.04
N SER A 86 38.52 11.88 -5.13
CA SER A 86 37.61 10.76 -5.35
C SER A 86 36.24 11.27 -5.77
N LEU A 87 35.84 12.40 -5.21
CA LEU A 87 34.55 12.99 -5.53
C LEU A 87 34.52 13.66 -6.89
N THR A 88 35.67 14.14 -7.37
CA THR A 88 35.69 14.88 -8.63
C THR A 88 36.13 14.15 -9.89
N THR A 89 36.94 13.10 -9.74
CA THR A 89 37.46 12.31 -10.85
C THR A 89 36.40 11.98 -11.90
N GLU A 90 36.81 11.29 -12.94
CA GLU A 90 35.89 10.85 -13.97
C GLU A 90 36.30 9.41 -14.19
N TYR A 91 37.18 8.96 -13.30
CA TYR A 91 37.71 7.61 -13.39
C TYR A 91 37.31 6.68 -12.28
N TYR A 92 37.03 5.44 -12.71
CA TYR A 92 36.64 4.33 -11.84
C TYR A 92 35.43 4.53 -10.95
N TYR A 93 35.39 5.60 -10.16
CA TYR A 93 34.27 5.87 -9.26
C TYR A 93 32.91 6.02 -9.94
N PRO A 94 32.89 6.49 -11.20
CA PRO A 94 31.59 6.64 -11.90
C PRO A 94 30.99 5.32 -12.35
N LEU A 95 31.60 4.20 -11.91
CA LEU A 95 31.12 2.88 -12.28
C LEU A 95 30.72 2.05 -11.08
N GLN A 96 30.80 2.63 -9.89
CA GLN A 96 30.44 1.86 -8.69
C GLN A 96 29.08 1.20 -8.83
N ASN A 97 28.09 1.93 -9.32
CA ASN A 97 26.76 1.37 -9.48
C ASN A 97 26.81 0.11 -10.33
N ALA A 98 27.46 0.19 -11.48
CA ALA A 98 27.57 -0.97 -12.35
C ALA A 98 28.27 -2.10 -11.60
N ILE A 99 29.34 -1.76 -10.89
CA ILE A 99 30.07 -2.76 -10.13
C ILE A 99 29.16 -3.48 -9.13
N ILE A 100 28.37 -2.73 -8.36
CA ILE A 100 27.46 -3.31 -7.37
C ILE A 100 26.54 -4.38 -7.96
N GLU A 101 26.04 -4.14 -9.18
CA GLU A 101 25.18 -5.11 -9.83
C GLU A 101 26.02 -6.34 -10.14
N PHE A 102 27.04 -6.14 -10.95
CA PHE A 102 27.93 -7.21 -11.34
C PHE A 102 28.32 -8.10 -10.17
N TYR A 103 28.24 -7.58 -8.95
CA TYR A 103 28.59 -8.38 -7.78
C TYR A 103 27.39 -9.10 -7.19
N THR A 104 26.21 -8.83 -7.75
CA THR A 104 24.98 -9.46 -7.31
C THR A 104 24.51 -10.42 -8.39
N GLU A 105 25.35 -10.63 -9.39
CA GLU A 105 25.02 -11.52 -10.51
C GLU A 105 26.26 -12.28 -10.94
N TYR A 106 27.28 -12.28 -10.09
CA TYR A 106 28.54 -12.96 -10.36
C TYR A 106 29.31 -13.15 -9.05
N TYR A 107 28.57 -13.33 -7.97
CA TYR A 107 29.19 -13.56 -6.66
C TYR A 107 29.22 -15.06 -6.42
N LYS A 108 28.31 -15.77 -7.09
CA LYS A 108 28.24 -17.22 -6.98
C LYS A 108 29.39 -17.81 -7.82
N THR A 109 29.34 -17.56 -9.13
CA THR A 109 30.37 -18.05 -10.04
C THR A 109 31.75 -17.65 -9.54
N ASN A 110 32.38 -18.53 -8.75
CA ASN A 110 33.70 -18.27 -8.17
C ASN A 110 34.76 -17.99 -9.22
N SER A 111 34.38 -18.02 -10.49
CA SER A 111 35.30 -17.76 -11.58
C SER A 111 35.72 -16.28 -11.57
N ILE A 112 34.92 -15.46 -10.90
CA ILE A 112 35.16 -14.02 -10.80
C ILE A 112 35.84 -13.63 -9.48
N ASN A 113 35.31 -14.14 -8.38
CA ASN A 113 35.83 -13.84 -7.04
C ASN A 113 37.35 -14.00 -6.99
N GLU A 114 37.90 -14.72 -7.97
CA GLU A 114 39.33 -14.96 -8.05
C GLU A 114 39.88 -14.13 -9.22
N LYS A 115 39.08 -14.04 -10.28
CA LYS A 115 39.47 -13.30 -11.48
C LYS A 115 39.87 -11.86 -11.13
N MET A 116 38.91 -11.08 -10.66
CA MET A 116 39.17 -9.69 -10.29
C MET A 116 39.46 -9.52 -8.80
N ASN A 117 40.39 -10.32 -8.31
CA ASN A 117 40.78 -10.27 -6.90
C ASN A 117 41.86 -9.21 -6.76
N LYS A 118 42.64 -9.03 -7.82
CA LYS A 118 43.72 -8.06 -7.83
C LYS A 118 43.12 -6.65 -7.91
N LEU A 119 41.88 -6.56 -8.35
CA LEU A 119 41.22 -5.28 -8.47
C LEU A 119 40.93 -4.68 -7.10
N GLU A 120 40.63 -5.54 -6.14
CA GLU A 120 40.34 -5.11 -4.79
C GLU A 120 41.57 -4.60 -4.05
N ASN A 121 42.76 -4.95 -4.53
CA ASN A 121 44.00 -4.52 -3.91
C ASN A 121 44.47 -3.18 -4.43
N LYS A 122 44.29 -2.93 -5.73
CA LYS A 122 44.69 -1.67 -6.33
C LYS A 122 43.80 -0.55 -5.76
N TYR A 123 42.60 -0.95 -5.33
CA TYR A 123 41.58 -0.08 -4.76
C TYR A 123 41.93 0.37 -3.35
N ILE A 124 42.54 -0.52 -2.59
CA ILE A 124 42.90 -0.19 -1.21
C ILE A 124 44.37 0.21 -1.08
N ASP A 125 45.13 -0.01 -2.15
CA ASP A 125 46.55 0.29 -2.17
C ASP A 125 46.85 1.74 -1.78
N ALA A 126 46.22 2.68 -2.46
CA ALA A 126 46.44 4.09 -2.16
C ALA A 126 46.46 4.37 -0.64
N TYR A 127 45.51 3.78 0.09
CA TYR A 127 45.42 3.98 1.54
C TYR A 127 46.48 3.17 2.26
N HIS A 128 46.89 2.07 1.65
CA HIS A 128 47.92 1.23 2.25
C HIS A 128 49.16 2.08 2.36
N VAL A 129 49.61 2.57 1.20
CA VAL A 129 50.79 3.43 1.15
C VAL A 129 50.62 4.60 2.11
N ILE A 130 49.58 5.39 1.90
CA ILE A 130 49.34 6.53 2.76
C ILE A 130 49.42 6.20 4.24
N PHE A 131 48.81 5.10 4.66
CA PHE A 131 48.81 4.74 6.06
C PHE A 131 50.14 4.20 6.54
N LYS A 132 50.79 3.42 5.69
CA LYS A 132 52.09 2.84 6.02
C LYS A 132 53.14 3.95 6.13
N GLU A 133 53.26 4.75 5.06
CA GLU A 133 54.21 5.83 4.98
C GLU A 133 53.98 6.84 6.09
N GLY A 134 52.78 6.82 6.66
CA GLY A 134 52.46 7.73 7.74
C GLY A 134 53.02 7.18 9.03
N ASN A 135 53.28 5.88 9.05
CA ASN A 135 53.86 5.23 10.21
C ASN A 135 55.34 5.59 10.24
N LEU A 136 56.01 5.35 9.12
CA LEU A 136 57.42 5.67 8.97
C LEU A 136 57.63 7.13 9.35
N ASN A 137 56.75 8.00 8.85
CA ASN A 137 56.86 9.43 9.11
C ASN A 137 56.24 9.79 10.46
N GLY A 138 55.91 8.78 11.25
CA GLY A 138 55.33 9.00 12.55
C GLY A 138 54.18 10.00 12.63
N GLU A 139 53.32 10.03 11.61
CA GLU A 139 52.18 10.93 11.62
C GLU A 139 51.07 10.31 12.46
N TRP A 140 51.16 9.01 12.65
CA TRP A 140 50.18 8.26 13.41
C TRP A 140 50.77 6.90 13.72
N SER A 141 50.05 6.09 14.49
CA SER A 141 50.53 4.76 14.82
C SER A 141 49.42 3.75 14.57
N ILE A 142 49.47 3.11 13.40
CA ILE A 142 48.46 2.12 13.01
C ILE A 142 49.07 0.75 12.83
N ASN A 143 48.60 -0.23 13.62
CA ASN A 143 49.12 -1.59 13.50
C ASN A 143 48.36 -2.39 12.45
N ASP A 144 47.03 -2.33 12.50
CA ASP A 144 46.18 -3.05 11.56
C ASP A 144 45.93 -2.29 10.26
N VAL A 145 47.01 -1.86 9.61
CA VAL A 145 46.89 -1.11 8.36
C VAL A 145 45.89 -1.67 7.34
N ASN A 146 46.04 -2.93 6.95
CA ASN A 146 45.13 -3.53 5.97
C ASN A 146 43.67 -3.31 6.34
N ALA A 147 43.36 -3.43 7.62
CA ALA A 147 41.98 -3.24 8.07
C ALA A 147 41.58 -1.81 7.69
N VAL A 148 42.25 -0.86 8.34
CA VAL A 148 42.02 0.56 8.13
C VAL A 148 41.99 0.93 6.65
N SER A 149 42.90 0.37 5.87
CA SER A 149 42.90 0.70 4.45
C SER A 149 41.57 0.33 3.82
N LYS A 150 41.06 -0.84 4.18
CA LYS A 150 39.79 -1.31 3.63
C LYS A 150 38.62 -0.52 4.19
N ILE A 151 38.64 -0.31 5.51
CA ILE A 151 37.60 0.46 6.18
C ILE A 151 37.47 1.80 5.49
N ALA A 152 38.60 2.48 5.31
CA ALA A 152 38.64 3.80 4.66
C ALA A 152 38.26 3.74 3.20
N ALA A 153 38.89 2.85 2.46
CA ALA A 153 38.56 2.71 1.07
C ALA A 153 37.05 2.56 0.91
N ASN A 154 36.46 1.68 1.72
CA ASN A 154 35.02 1.44 1.62
C ASN A 154 34.14 2.55 2.13
N ALA A 155 34.48 3.11 3.30
CA ALA A 155 33.70 4.21 3.85
C ALA A 155 33.64 5.34 2.82
N VAL A 156 34.81 5.72 2.31
CA VAL A 156 34.90 6.77 1.32
C VAL A 156 34.11 6.49 0.06
N ASN A 157 34.24 5.30 -0.48
CA ASN A 157 33.49 4.96 -1.69
C ASN A 157 32.01 5.17 -1.38
N GLY A 158 31.66 5.01 -0.11
CA GLY A 158 30.29 5.19 0.32
C GLY A 158 29.83 6.63 0.20
N ILE A 159 30.60 7.55 0.79
CA ILE A 159 30.29 8.97 0.77
C ILE A 159 30.23 9.43 -0.69
N VAL A 160 31.08 8.88 -1.53
CA VAL A 160 31.09 9.25 -2.93
C VAL A 160 29.91 8.71 -3.69
N THR A 161 29.64 7.43 -3.53
CA THR A 161 28.55 6.81 -4.29
C THR A 161 27.14 7.22 -3.87
N PHE A 162 26.85 7.28 -2.57
CA PHE A 162 25.48 7.65 -2.15
C PHE A 162 25.19 9.11 -1.85
N THR A 163 25.91 10.02 -2.48
CA THR A 163 25.67 11.46 -2.34
C THR A 163 25.63 12.04 -3.75
N HIS A 164 25.62 11.16 -4.75
CA HIS A 164 25.61 11.57 -6.15
C HIS A 164 24.29 12.16 -6.59
N GLU A 165 24.03 13.40 -6.17
CA GLU A 165 22.82 14.12 -6.50
C GLU A 165 22.81 15.48 -5.78
N GLN A 166 23.49 15.55 -4.65
CA GLN A 166 23.55 16.79 -3.89
C GLN A 166 24.73 17.66 -4.32
N ASN A 167 24.60 18.97 -4.05
CA ASN A 167 25.60 19.97 -4.36
C ASN A 167 27.02 19.47 -4.16
N ILE A 168 27.84 19.58 -5.20
CA ILE A 168 29.22 19.12 -5.16
C ILE A 168 30.00 19.72 -4.00
N ASN A 169 29.62 20.92 -3.59
CA ASN A 169 30.31 21.58 -2.49
C ASN A 169 29.88 20.97 -1.18
N GLU A 170 28.61 20.62 -1.08
CA GLU A 170 28.13 20.01 0.15
C GLU A 170 28.91 18.69 0.28
N ARG A 171 29.04 17.98 -0.84
CA ARG A 171 29.76 16.71 -0.91
C ARG A 171 31.17 16.81 -0.35
N ILE A 172 31.95 17.69 -0.97
CA ILE A 172 33.33 17.95 -0.59
C ILE A 172 33.42 18.40 0.86
N LYS A 173 32.40 19.08 1.36
CA LYS A 173 32.44 19.55 2.73
C LYS A 173 32.40 18.32 3.63
N LEU A 174 31.41 17.46 3.40
CA LEU A 174 31.20 16.22 4.17
C LEU A 174 32.46 15.35 4.12
N MET A 175 32.89 15.05 2.90
CA MET A 175 34.08 14.24 2.69
C MET A 175 35.23 14.74 3.57
N ASN A 176 35.35 16.06 3.69
CA ASN A 176 36.39 16.64 4.50
C ASN A 176 36.16 16.43 5.99
N LYS A 177 34.93 16.60 6.44
CA LYS A 177 34.61 16.40 7.86
C LYS A 177 34.86 14.93 8.20
N PHE A 178 34.68 14.06 7.22
CA PHE A 178 34.93 12.63 7.40
C PHE A 178 36.42 12.44 7.62
N SER A 179 37.21 12.82 6.61
CA SER A 179 38.67 12.71 6.64
C SER A 179 39.17 13.25 7.97
N GLN A 180 38.59 14.36 8.38
CA GLN A 180 38.94 14.98 9.63
C GLN A 180 38.67 13.93 10.71
N ILE A 181 37.38 13.61 10.92
CA ILE A 181 36.95 12.64 11.93
C ILE A 181 37.76 11.33 11.94
N PHE A 182 37.95 10.75 10.75
CA PHE A 182 38.66 9.48 10.65
C PHE A 182 40.06 9.53 11.23
N LEU A 183 40.94 10.27 10.56
CA LEU A 183 42.33 10.42 11.00
C LEU A 183 42.46 10.76 12.48
N ASN A 184 41.55 11.57 12.97
CA ASN A 184 41.60 11.96 14.36
C ASN A 184 41.30 10.78 15.26
N GLY A 185 40.66 9.75 14.70
CA GLY A 185 40.32 8.58 15.48
C GLY A 185 41.45 7.56 15.51
N LEU A 186 42.54 7.86 14.79
CA LEU A 186 43.68 6.97 14.75
C LEU A 186 44.74 7.41 15.77
N SER A 187 44.37 8.36 16.61
CA SER A 187 45.30 8.89 17.63
C SER A 187 44.69 8.91 19.04
N ASN B 2 -35.21 26.73 18.76
CA ASN B 2 -33.91 26.54 19.47
C ASN B 2 -32.75 27.01 18.59
N LEU B 3 -31.75 26.14 18.42
CA LEU B 3 -30.57 26.44 17.59
C LEU B 3 -29.71 25.19 17.50
N LYS B 4 -29.56 24.48 18.62
CA LYS B 4 -28.79 23.24 18.67
C LYS B 4 -29.58 22.13 17.99
N ASP B 5 -30.88 22.10 18.27
CA ASP B 5 -31.75 21.10 17.67
C ASP B 5 -32.00 21.48 16.22
N LYS B 6 -31.98 22.78 15.95
CA LYS B 6 -32.17 23.30 14.60
C LYS B 6 -31.06 22.70 13.73
N ILE B 7 -29.82 22.78 14.22
CA ILE B 7 -28.67 22.23 13.49
C ILE B 7 -28.83 20.72 13.32
N LEU B 8 -29.10 20.03 14.42
CA LEU B 8 -29.29 18.59 14.35
C LEU B 8 -30.28 18.24 13.24
N GLY B 9 -31.44 18.90 13.25
CA GLY B 9 -32.46 18.63 12.24
C GLY B 9 -32.08 18.98 10.82
N VAL B 10 -31.51 20.16 10.60
CA VAL B 10 -31.09 20.54 9.26
C VAL B 10 -30.07 19.50 8.81
N ALA B 11 -29.10 19.21 9.69
CA ALA B 11 -28.05 18.22 9.42
C ALA B 11 -28.60 16.86 9.01
N LYS B 12 -29.57 16.37 9.80
CA LYS B 12 -30.19 15.08 9.57
C LYS B 12 -30.79 14.97 8.18
N GLU B 13 -31.48 16.01 7.73
CA GLU B 13 -32.08 15.98 6.40
C GLU B 13 -31.01 16.02 5.31
N LEU B 14 -29.92 16.73 5.58
CA LEU B 14 -28.83 16.81 4.62
C LEU B 14 -28.10 15.45 4.50
N PHE B 15 -27.79 14.83 5.64
CA PHE B 15 -27.13 13.53 5.60
C PHE B 15 -27.97 12.50 4.86
N ILE B 16 -29.29 12.62 4.97
CA ILE B 16 -30.20 11.70 4.32
C ILE B 16 -30.36 12.07 2.83
N LYS B 17 -30.26 13.36 2.54
CA LYS B 17 -30.43 13.83 1.17
C LYS B 17 -29.22 13.57 0.28
N ASN B 18 -28.04 13.91 0.80
CA ASN B 18 -26.78 13.78 0.05
C ASN B 18 -25.78 12.80 0.62
N GLY B 19 -26.03 12.29 1.81
CA GLY B 19 -25.10 11.35 2.39
C GLY B 19 -24.11 12.08 3.26
N TYR B 20 -23.23 11.35 3.92
CA TYR B 20 -22.24 11.94 4.82
C TYR B 20 -21.17 12.84 4.20
N ASN B 21 -20.34 12.25 3.35
CA ASN B 21 -19.25 12.98 2.71
C ASN B 21 -19.66 14.21 1.91
N ALA B 22 -20.79 14.15 1.23
CA ALA B 22 -21.21 15.30 0.41
C ALA B 22 -21.75 16.48 1.21
N THR B 23 -22.14 16.22 2.44
CA THR B 23 -22.70 17.26 3.30
C THR B 23 -21.65 17.89 4.17
N THR B 24 -21.48 19.21 4.06
CA THR B 24 -20.48 19.93 4.83
C THR B 24 -21.08 20.80 5.93
N THR B 25 -20.30 21.03 6.99
CA THR B 25 -20.78 21.87 8.08
C THR B 25 -21.20 23.18 7.46
N GLY B 26 -20.42 23.65 6.50
CA GLY B 26 -20.74 24.89 5.83
C GLY B 26 -22.18 24.93 5.34
N GLU B 27 -22.58 23.95 4.55
CA GLU B 27 -23.95 23.90 4.03
C GLU B 27 -24.93 23.68 5.17
N ILE B 28 -24.45 23.03 6.23
CA ILE B 28 -25.26 22.73 7.41
C ILE B 28 -25.60 24.01 8.17
N VAL B 29 -24.56 24.80 8.45
CA VAL B 29 -24.67 26.05 9.19
C VAL B 29 -25.52 27.12 8.50
N LYS B 30 -25.20 27.44 7.25
CA LYS B 30 -25.96 28.46 6.53
C LYS B 30 -27.42 28.09 6.26
N LEU B 31 -27.74 26.81 6.31
CA LEU B 31 -29.12 26.41 6.07
C LEU B 31 -29.90 26.43 7.38
N SER B 32 -29.18 26.29 8.50
CA SER B 32 -29.79 26.31 9.83
C SER B 32 -29.70 27.71 10.44
N GLU B 33 -29.04 28.62 9.73
CA GLU B 33 -28.88 30.02 10.14
C GLU B 33 -27.98 30.21 11.36
N SER B 34 -27.02 29.32 11.54
CA SER B 34 -26.11 29.42 12.67
C SER B 34 -24.72 29.81 12.19
N SER B 35 -23.72 29.64 13.04
CA SER B 35 -22.35 30.00 12.70
C SER B 35 -21.45 28.81 12.87
N LYS B 36 -20.36 28.76 12.10
CA LYS B 36 -19.42 27.66 12.17
C LYS B 36 -18.89 27.48 13.60
N GLY B 37 -18.58 28.58 14.27
CA GLY B 37 -18.09 28.47 15.63
C GLY B 37 -19.15 27.89 16.56
N ASN B 38 -20.40 28.25 16.32
CA ASN B 38 -21.48 27.76 17.16
C ASN B 38 -21.58 26.24 17.02
N LEU B 39 -21.53 25.76 15.78
CA LEU B 39 -21.63 24.33 15.49
C LEU B 39 -20.59 23.53 16.32
N TYR B 40 -19.34 24.00 16.32
CA TYR B 40 -18.27 23.35 17.09
C TYR B 40 -18.56 23.58 18.57
N TYR B 41 -18.99 24.80 18.89
CA TYR B 41 -19.31 25.18 20.26
C TYR B 41 -20.33 24.23 20.88
N HIS B 42 -21.10 23.54 20.03
CA HIS B 42 -22.11 22.60 20.50
C HIS B 42 -21.78 21.13 20.24
N PHE B 43 -21.20 20.84 19.08
CA PHE B 43 -20.90 19.45 18.74
C PHE B 43 -19.41 19.17 18.59
N LYS B 44 -18.60 20.22 18.38
CA LYS B 44 -17.15 20.09 18.23
C LYS B 44 -16.71 19.78 16.81
N THR B 45 -17.08 18.60 16.31
CA THR B 45 -16.72 18.18 14.96
C THR B 45 -17.89 17.53 14.22
N LYS B 46 -17.91 17.68 12.90
CA LYS B 46 -18.98 17.09 12.10
C LYS B 46 -19.14 15.61 12.42
N GLU B 47 -18.02 14.90 12.54
CA GLU B 47 -18.10 13.49 12.86
C GLU B 47 -18.91 13.31 14.15
N ASN B 48 -18.70 14.20 15.11
CA ASN B 48 -19.41 14.09 16.38
C ASN B 48 -20.89 14.43 16.21
N LEU B 49 -21.17 15.43 15.37
CA LEU B 49 -22.54 15.85 15.11
C LEU B 49 -23.37 14.67 14.58
N PHE B 50 -22.82 13.99 13.58
CA PHE B 50 -23.46 12.83 12.96
C PHE B 50 -23.58 11.65 13.94
N LEU B 51 -22.60 11.50 14.83
CA LEU B 51 -22.60 10.44 15.83
C LEU B 51 -23.73 10.68 16.84
N GLU B 52 -24.08 11.95 17.02
CA GLU B 52 -25.17 12.29 17.93
C GLU B 52 -26.48 12.01 17.20
N ILE B 53 -26.57 12.48 15.95
CA ILE B 53 -27.75 12.25 15.13
C ILE B 53 -28.06 10.77 15.23
N LEU B 54 -27.04 9.96 15.00
CA LEU B 54 -27.18 8.50 15.05
C LEU B 54 -27.70 7.98 16.37
N ASN B 55 -27.24 8.53 17.48
CA ASN B 55 -27.72 8.06 18.76
C ASN B 55 -29.16 8.48 19.04
N ILE B 56 -29.60 9.52 18.36
CA ILE B 56 -30.96 10.01 18.51
C ILE B 56 -31.87 9.09 17.70
N GLU B 57 -31.57 8.93 16.42
CA GLU B 57 -32.38 8.08 15.56
C GLU B 57 -32.49 6.69 16.15
N GLN B 58 -31.36 6.14 16.57
CA GLN B 58 -31.35 4.80 17.14
C GLN B 58 -32.30 4.66 18.31
N SER B 59 -32.32 5.65 19.20
CA SER B 59 -33.19 5.60 20.36
C SER B 59 -34.65 5.83 20.02
N LYS B 60 -34.96 6.85 19.22
CA LYS B 60 -36.35 7.13 18.85
C LYS B 60 -36.94 5.95 18.08
N TRP B 61 -36.08 5.05 17.61
CA TRP B 61 -36.52 3.87 16.89
C TRP B 61 -36.58 2.69 17.86
N GLN B 62 -35.65 2.65 18.81
CA GLN B 62 -35.62 1.57 19.78
C GLN B 62 -36.82 1.72 20.72
N GLU B 63 -37.46 2.88 20.68
CA GLU B 63 -38.60 3.12 21.56
C GLU B 63 -39.92 2.94 20.81
N GLN B 64 -39.96 3.44 19.58
CA GLN B 64 -41.15 3.33 18.77
C GLN B 64 -41.46 1.85 18.60
N TRP B 65 -40.46 1.00 18.81
CA TRP B 65 -40.64 -0.44 18.71
C TRP B 65 -41.09 -1.00 20.05
N LYS B 66 -40.76 -0.30 21.12
CA LYS B 66 -41.18 -0.75 22.44
C LYS B 66 -42.70 -0.59 22.52
N LYS B 67 -43.17 0.58 22.10
CA LYS B 67 -44.58 0.92 22.11
C LYS B 67 -45.39 0.31 20.97
N GLU B 68 -44.76 -0.50 20.13
CA GLU B 68 -45.50 -1.06 19.02
C GLU B 68 -45.36 -2.56 18.88
N GLN B 69 -44.53 -3.16 19.73
CA GLN B 69 -44.31 -4.60 19.65
C GLN B 69 -45.42 -5.37 20.36
N ILE B 70 -46.20 -4.65 21.14
CA ILE B 70 -47.30 -5.21 21.90
C ILE B 70 -48.35 -5.86 20.97
N LYS B 71 -48.66 -5.17 19.87
CA LYS B 71 -49.64 -5.67 18.89
C LYS B 71 -49.24 -6.98 18.23
N ALA B 72 -48.36 -7.73 18.88
CA ALA B 72 -47.88 -9.02 18.38
C ALA B 72 -47.58 -9.89 19.58
N LYS B 73 -48.38 -10.93 19.76
CA LYS B 73 -48.24 -11.86 20.89
C LYS B 73 -47.06 -12.80 20.78
N THR B 74 -47.08 -13.68 19.78
CA THR B 74 -46.00 -14.64 19.56
C THR B 74 -44.76 -13.90 19.06
N ASN B 75 -43.58 -14.52 19.18
CA ASN B 75 -42.39 -13.84 18.70
C ASN B 75 -42.32 -13.95 17.19
N ARG B 76 -42.91 -14.99 16.62
CA ARG B 76 -42.93 -15.16 15.18
C ARG B 76 -43.64 -13.92 14.57
N GLU B 77 -44.56 -13.34 15.35
CA GLU B 77 -45.29 -12.16 14.89
C GLU B 77 -44.43 -10.92 15.04
N LYS B 78 -43.67 -10.86 16.12
CA LYS B 78 -42.79 -9.71 16.37
C LYS B 78 -41.72 -9.63 15.28
N PHE B 79 -41.27 -10.80 14.81
CA PHE B 79 -40.27 -10.84 13.76
C PHE B 79 -40.90 -10.13 12.58
N TYR B 80 -41.93 -10.76 12.02
CA TYR B 80 -42.68 -10.20 10.88
C TYR B 80 -42.90 -8.70 11.06
N LEU B 81 -43.46 -8.32 12.20
CA LEU B 81 -43.77 -6.94 12.49
C LEU B 81 -42.56 -6.00 12.49
N TYR B 82 -41.46 -6.43 13.11
CA TYR B 82 -40.25 -5.59 13.15
C TYR B 82 -39.81 -5.24 11.72
N ASN B 83 -39.61 -6.27 10.91
CA ASN B 83 -39.17 -6.11 9.53
C ASN B 83 -40.06 -5.20 8.73
N GLU B 84 -41.36 -5.27 9.00
CA GLU B 84 -42.34 -4.43 8.31
C GLU B 84 -42.15 -3.00 8.76
N LEU B 85 -42.15 -2.81 10.08
CA LEU B 85 -41.99 -1.48 10.64
C LEU B 85 -40.72 -0.81 10.14
N SER B 86 -39.67 -1.60 9.96
CA SER B 86 -38.40 -1.08 9.45
C SER B 86 -38.57 -0.30 8.15
N LEU B 87 -39.38 -0.84 7.25
CA LEU B 87 -39.65 -0.23 5.95
C LEU B 87 -40.42 1.08 6.00
N THR B 88 -41.20 1.27 7.06
CA THR B 88 -42.06 2.46 7.14
C THR B 88 -41.67 3.47 8.19
N THR B 89 -40.75 3.10 9.07
CA THR B 89 -40.33 4.03 10.10
C THR B 89 -39.53 5.20 9.52
N GLU B 90 -39.63 6.34 10.18
CA GLU B 90 -38.92 7.51 9.71
C GLU B 90 -37.57 7.57 10.41
N TYR B 91 -37.36 6.63 11.35
CA TYR B 91 -36.11 6.62 12.12
C TYR B 91 -35.00 5.66 11.70
N TYR B 92 -33.77 6.17 11.75
CA TYR B 92 -32.58 5.37 11.47
C TYR B 92 -32.39 4.83 10.04
N TYR B 93 -33.14 3.79 9.70
CA TYR B 93 -33.02 3.19 8.37
C TYR B 93 -32.82 4.18 7.22
N PRO B 94 -33.31 5.43 7.36
CA PRO B 94 -33.12 6.41 6.27
C PRO B 94 -31.70 6.96 6.21
N LEU B 95 -30.89 6.65 7.20
CA LEU B 95 -29.53 7.15 7.24
C LEU B 95 -28.48 6.12 6.84
N GLN B 96 -28.91 4.93 6.44
CA GLN B 96 -28.00 3.86 6.04
C GLN B 96 -26.95 4.33 5.03
N ASN B 97 -27.39 5.09 4.05
CA ASN B 97 -26.48 5.59 3.03
C ASN B 97 -25.35 6.43 3.60
N ALA B 98 -25.64 7.14 4.69
CA ALA B 98 -24.62 7.97 5.33
C ALA B 98 -23.86 7.08 6.34
N ILE B 99 -24.56 6.21 7.07
CA ILE B 99 -23.87 5.32 8.00
C ILE B 99 -22.81 4.53 7.23
N ILE B 100 -23.16 4.06 6.03
CA ILE B 100 -22.22 3.30 5.20
C ILE B 100 -20.95 4.14 4.94
N GLU B 101 -21.11 5.29 4.29
CA GLU B 101 -20.01 6.17 3.97
C GLU B 101 -19.15 6.49 5.19
N PHE B 102 -19.80 6.93 6.24
CA PHE B 102 -19.14 7.31 7.48
C PHE B 102 -18.33 6.20 8.13
N TYR B 103 -18.76 4.96 7.95
CA TYR B 103 -18.03 3.86 8.57
C TYR B 103 -16.76 3.48 7.81
N THR B 104 -16.77 3.61 6.49
CA THR B 104 -15.60 3.27 5.71
C THR B 104 -14.57 4.38 5.85
N GLU B 105 -14.94 5.43 6.57
CA GLU B 105 -14.05 6.57 6.74
C GLU B 105 -13.57 6.72 8.17
N TYR B 106 -13.89 5.77 9.04
CA TYR B 106 -13.48 5.87 10.43
C TYR B 106 -13.34 4.52 11.14
N TYR B 107 -13.55 3.41 10.43
CA TYR B 107 -13.42 2.11 11.06
C TYR B 107 -11.95 1.98 11.45
N LYS B 108 -11.11 2.69 10.70
CA LYS B 108 -9.68 2.70 10.91
C LYS B 108 -9.37 3.22 12.31
N THR B 109 -9.79 4.46 12.59
CA THR B 109 -9.57 5.05 13.91
C THR B 109 -10.32 4.21 14.95
N ASN B 110 -9.69 3.94 16.10
CA ASN B 110 -10.32 3.12 17.13
C ASN B 110 -11.29 3.87 18.05
N SER B 111 -11.06 5.17 18.22
CA SER B 111 -11.91 5.98 19.09
C SER B 111 -13.37 5.96 18.64
N ILE B 112 -13.62 6.54 17.47
CA ILE B 112 -14.96 6.60 16.87
C ILE B 112 -15.54 5.20 16.67
N ASN B 113 -14.73 4.29 16.16
CA ASN B 113 -15.15 2.93 15.89
C ASN B 113 -15.79 2.28 17.11
N GLU B 114 -15.23 2.54 18.30
CA GLU B 114 -15.78 1.96 19.52
C GLU B 114 -17.25 2.31 19.67
N LYS B 115 -17.57 3.60 19.54
CA LYS B 115 -18.93 4.11 19.66
C LYS B 115 -19.86 3.49 18.63
N MET B 116 -19.32 3.23 17.44
CA MET B 116 -20.12 2.63 16.38
C MET B 116 -20.52 1.19 16.70
N ASN B 117 -19.60 0.39 17.25
CA ASN B 117 -19.93 -0.98 17.59
C ASN B 117 -21.02 -0.98 18.65
N LYS B 118 -20.89 -0.06 19.61
CA LYS B 118 -21.87 0.07 20.68
C LYS B 118 -23.25 0.19 20.02
N LEU B 119 -23.40 1.18 19.16
CA LEU B 119 -24.65 1.42 18.44
C LEU B 119 -25.08 0.20 17.62
N GLU B 120 -24.11 -0.49 17.03
CA GLU B 120 -24.41 -1.66 16.21
C GLU B 120 -24.95 -2.81 17.04
N ASN B 121 -24.74 -2.78 18.34
CA ASN B 121 -25.23 -3.85 19.19
C ASN B 121 -26.68 -3.65 19.56
N LYS B 122 -27.11 -2.38 19.58
CA LYS B 122 -28.49 -2.04 19.88
C LYS B 122 -29.32 -2.39 18.65
N TYR B 123 -28.76 -2.08 17.49
CA TYR B 123 -29.38 -2.34 16.20
C TYR B 123 -29.67 -3.84 16.04
N ILE B 124 -28.75 -4.70 16.51
CA ILE B 124 -28.92 -6.14 16.42
C ILE B 124 -29.76 -6.74 17.56
N ASP B 125 -29.59 -6.20 18.77
CA ASP B 125 -30.30 -6.67 19.96
C ASP B 125 -31.74 -7.10 19.73
N ALA B 126 -32.53 -6.21 19.14
CA ALA B 126 -33.94 -6.44 18.86
C ALA B 126 -34.14 -7.84 18.30
N TYR B 127 -33.40 -8.18 17.26
CA TYR B 127 -33.52 -9.50 16.67
C TYR B 127 -33.05 -10.54 17.67
N HIS B 128 -31.98 -10.23 18.39
CA HIS B 128 -31.47 -11.15 19.38
C HIS B 128 -32.56 -11.47 20.41
N VAL B 129 -33.21 -10.43 20.92
CA VAL B 129 -34.29 -10.59 21.90
C VAL B 129 -35.36 -11.53 21.33
N ILE B 130 -35.89 -11.18 20.16
CA ILE B 130 -36.92 -11.97 19.47
C ILE B 130 -36.53 -13.45 19.37
N PHE B 131 -35.34 -13.75 18.86
CA PHE B 131 -34.90 -15.13 18.72
C PHE B 131 -34.66 -15.81 20.05
N LYS B 132 -34.14 -15.05 21.02
CA LYS B 132 -33.88 -15.59 22.35
C LYS B 132 -35.18 -16.11 22.96
N GLU B 133 -36.09 -15.19 23.27
CA GLU B 133 -37.40 -15.51 23.84
C GLU B 133 -38.06 -16.57 22.98
N GLY B 134 -37.83 -16.46 21.67
CA GLY B 134 -38.39 -17.41 20.74
C GLY B 134 -38.07 -18.84 21.10
N ASN B 135 -36.83 -19.07 21.53
CA ASN B 135 -36.42 -20.41 21.92
C ASN B 135 -37.05 -20.73 23.27
N LEU B 136 -37.07 -19.74 24.16
CA LEU B 136 -37.65 -19.92 25.49
C LEU B 136 -39.16 -20.11 25.45
N ASN B 137 -39.70 -20.25 24.24
CA ASN B 137 -41.13 -20.44 24.03
C ASN B 137 -41.31 -21.43 22.92
N GLY B 138 -40.39 -22.40 22.84
CA GLY B 138 -40.44 -23.42 21.81
C GLY B 138 -41.01 -23.01 20.45
N GLU B 139 -40.76 -21.78 20.01
CA GLU B 139 -41.26 -21.34 18.71
C GLU B 139 -40.32 -21.87 17.63
N TRP B 140 -39.09 -22.13 18.03
CA TRP B 140 -38.03 -22.65 17.17
C TRP B 140 -36.84 -22.97 18.09
N SER B 141 -35.86 -23.67 17.55
CA SER B 141 -34.67 -23.97 18.34
C SER B 141 -33.51 -23.42 17.51
N ILE B 142 -32.82 -22.42 18.03
CA ILE B 142 -31.71 -21.82 17.30
C ILE B 142 -30.40 -21.87 18.09
N ASN B 143 -29.47 -22.70 17.62
CA ASN B 143 -28.18 -22.85 18.28
C ASN B 143 -27.46 -21.53 18.51
N ASP B 144 -26.88 -20.97 17.44
CA ASP B 144 -26.21 -19.69 17.58
C ASP B 144 -27.16 -18.60 17.15
N VAL B 145 -27.70 -17.92 18.16
CA VAL B 145 -28.64 -16.83 17.99
C VAL B 145 -27.91 -15.60 17.47
N ASN B 146 -26.76 -15.30 18.07
CA ASN B 146 -25.97 -14.15 17.66
C ASN B 146 -25.73 -14.15 16.14
N ALA B 147 -25.53 -15.33 15.57
CA ALA B 147 -25.30 -15.44 14.14
C ALA B 147 -26.57 -15.07 13.39
N VAL B 148 -27.67 -15.72 13.79
CA VAL B 148 -28.95 -15.46 13.17
C VAL B 148 -29.38 -14.00 13.38
N SER B 149 -29.26 -13.51 14.60
CA SER B 149 -29.62 -12.14 14.91
C SER B 149 -28.87 -11.17 13.99
N LYS B 150 -27.64 -11.52 13.63
CA LYS B 150 -26.87 -10.65 12.76
C LYS B 150 -27.24 -10.87 11.30
N ILE B 151 -27.41 -12.13 10.90
CA ILE B 151 -27.78 -12.44 9.51
C ILE B 151 -29.12 -11.78 9.24
N ALA B 152 -30.01 -11.92 10.22
CA ALA B 152 -31.36 -11.36 10.13
C ALA B 152 -31.31 -9.85 9.87
N ALA B 153 -30.77 -9.12 10.84
CA ALA B 153 -30.67 -7.68 10.77
C ALA B 153 -30.03 -7.12 9.49
N ASN B 154 -28.97 -7.76 9.00
CA ASN B 154 -28.33 -7.27 7.78
C ASN B 154 -29.10 -7.64 6.52
N ALA B 155 -29.79 -8.78 6.57
CA ALA B 155 -30.56 -9.19 5.42
C ALA B 155 -31.73 -8.23 5.26
N VAL B 156 -32.36 -7.89 6.38
CA VAL B 156 -33.50 -6.99 6.35
C VAL B 156 -33.08 -5.60 5.94
N ASN B 157 -32.03 -5.08 6.58
CA ASN B 157 -31.52 -3.74 6.27
C ASN B 157 -31.19 -3.66 4.77
N GLY B 158 -30.86 -4.82 4.21
CA GLY B 158 -30.54 -4.88 2.79
C GLY B 158 -31.78 -4.74 1.95
N ILE B 159 -32.87 -5.41 2.35
CA ILE B 159 -34.13 -5.35 1.63
C ILE B 159 -34.69 -3.96 1.79
N VAL B 160 -34.57 -3.42 3.00
CA VAL B 160 -35.06 -2.09 3.28
C VAL B 160 -34.38 -1.00 2.47
N THR B 161 -33.05 -0.98 2.45
CA THR B 161 -32.36 0.10 1.75
C THR B 161 -31.97 -0.08 0.28
N PHE B 162 -32.20 -1.26 -0.28
CA PHE B 162 -31.87 -1.46 -1.70
C PHE B 162 -33.12 -1.65 -2.57
N THR B 163 -34.28 -1.34 -2.01
CA THR B 163 -35.55 -1.43 -2.73
C THR B 163 -36.31 -0.13 -2.47
N HIS B 164 -35.60 0.85 -1.93
CA HIS B 164 -36.17 2.18 -1.64
C HIS B 164 -36.26 2.89 -3.00
N GLU B 165 -37.19 2.44 -3.83
CA GLU B 165 -37.32 2.98 -5.17
C GLU B 165 -38.77 3.05 -5.66
N GLN B 166 -39.49 1.94 -5.49
CA GLN B 166 -40.87 1.86 -5.93
C GLN B 166 -41.82 1.60 -4.79
N ASN B 167 -43.08 1.41 -5.18
CA ASN B 167 -44.24 1.14 -4.33
C ASN B 167 -43.97 0.52 -2.96
N ILE B 168 -44.31 1.25 -1.91
CA ILE B 168 -44.08 0.75 -0.55
C ILE B 168 -45.00 -0.43 -0.21
N ASN B 169 -45.96 -0.71 -1.06
CA ASN B 169 -46.84 -1.83 -0.78
C ASN B 169 -46.09 -3.05 -1.23
N GLU B 170 -45.47 -2.94 -2.39
CA GLU B 170 -44.68 -4.04 -2.93
C GLU B 170 -43.49 -4.29 -2.03
N ARG B 171 -42.94 -3.21 -1.49
CA ARG B 171 -41.82 -3.33 -0.58
C ARG B 171 -42.26 -4.16 0.63
N ILE B 172 -43.41 -3.82 1.19
CA ILE B 172 -43.93 -4.57 2.33
C ILE B 172 -44.31 -6.00 1.97
N LYS B 173 -44.74 -6.22 0.74
CA LYS B 173 -45.09 -7.57 0.34
C LYS B 173 -43.83 -8.45 0.26
N LEU B 174 -42.81 -7.97 -0.46
CA LEU B 174 -41.54 -8.70 -0.61
C LEU B 174 -40.96 -8.98 0.77
N MET B 175 -41.04 -8.00 1.66
CA MET B 175 -40.51 -8.18 3.00
C MET B 175 -41.15 -9.36 3.71
N ASN B 176 -42.47 -9.40 3.73
CA ASN B 176 -43.16 -10.49 4.41
C ASN B 176 -42.89 -11.86 3.85
N LYS B 177 -42.65 -11.95 2.53
CA LYS B 177 -42.33 -13.24 1.91
C LYS B 177 -41.02 -13.66 2.55
N PHE B 178 -40.10 -12.71 2.63
CA PHE B 178 -38.79 -12.94 3.24
C PHE B 178 -38.94 -13.45 4.65
N SER B 179 -39.55 -12.64 5.51
CA SER B 179 -39.76 -13.01 6.93
C SER B 179 -40.32 -14.42 7.05
N GLN B 180 -41.11 -14.82 6.06
CA GLN B 180 -41.69 -16.16 6.07
C GLN B 180 -40.57 -17.12 5.76
N ILE B 181 -40.04 -17.03 4.53
CA ILE B 181 -38.96 -17.89 4.09
C ILE B 181 -38.00 -18.09 5.25
N PHE B 182 -37.48 -16.97 5.77
CA PHE B 182 -36.54 -17.00 6.86
C PHE B 182 -37.03 -17.88 8.00
N LEU B 183 -38.01 -17.41 8.76
CA LEU B 183 -38.56 -18.17 9.87
C LEU B 183 -38.79 -19.63 9.49
N ASN B 184 -39.26 -19.88 8.27
CA ASN B 184 -39.49 -21.25 7.89
C ASN B 184 -38.19 -22.02 7.98
N GLY B 185 -37.18 -21.56 7.25
CA GLY B 185 -35.89 -22.23 7.27
C GLY B 185 -35.19 -22.33 8.63
N LEU B 186 -35.68 -21.61 9.64
CA LEU B 186 -35.07 -21.65 10.97
C LEU B 186 -35.11 -22.96 11.74
N SER B 187 -36.10 -23.81 11.47
CA SER B 187 -36.16 -25.10 12.15
C SER B 187 -36.81 -26.13 11.23
N ASN C 2 -6.72 -2.74 2.23
CA ASN C 2 -6.49 -4.21 2.11
C ASN C 2 -6.28 -4.68 0.68
N LEU C 3 -7.12 -4.24 -0.25
CA LEU C 3 -6.88 -4.64 -1.62
C LEU C 3 -5.57 -3.94 -2.04
N LYS C 4 -5.30 -2.81 -1.38
CA LYS C 4 -4.09 -2.03 -1.60
C LYS C 4 -2.96 -2.76 -0.90
N ASP C 5 -3.23 -3.18 0.33
CA ASP C 5 -2.25 -3.89 1.14
C ASP C 5 -1.91 -5.25 0.55
N LYS C 6 -2.88 -5.86 -0.12
CA LYS C 6 -2.69 -7.15 -0.77
C LYS C 6 -1.77 -6.98 -1.99
N ILE C 7 -1.92 -5.87 -2.70
CA ILE C 7 -1.08 -5.58 -3.86
C ILE C 7 0.40 -5.37 -3.44
N LEU C 8 0.62 -4.56 -2.40
CA LEU C 8 1.97 -4.33 -1.91
C LEU C 8 2.63 -5.64 -1.46
N GLY C 9 1.83 -6.48 -0.81
CA GLY C 9 2.36 -7.75 -0.33
C GLY C 9 2.76 -8.67 -1.46
N VAL C 10 1.88 -8.78 -2.45
CA VAL C 10 2.16 -9.62 -3.59
C VAL C 10 3.31 -9.04 -4.42
N ALA C 11 3.27 -7.72 -4.59
CA ALA C 11 4.28 -7.03 -5.35
C ALA C 11 5.62 -7.26 -4.69
N LYS C 12 5.65 -7.18 -3.36
CA LYS C 12 6.91 -7.39 -2.67
C LYS C 12 7.46 -8.78 -2.96
N GLU C 13 6.60 -9.79 -2.91
CA GLU C 13 7.04 -11.15 -3.18
C GLU C 13 7.54 -11.29 -4.60
N LEU C 14 6.77 -10.78 -5.56
CA LEU C 14 7.18 -10.86 -6.96
C LEU C 14 8.57 -10.26 -7.16
N PHE C 15 8.79 -9.08 -6.62
CA PHE C 15 10.08 -8.40 -6.73
C PHE C 15 11.18 -9.27 -6.15
N ILE C 16 10.98 -9.76 -4.92
CA ILE C 16 11.94 -10.63 -4.27
C ILE C 16 12.28 -11.84 -5.12
N LYS C 17 11.28 -12.38 -5.81
CA LYS C 17 11.49 -13.57 -6.62
C LYS C 17 12.10 -13.31 -7.99
N ASN C 18 11.64 -12.27 -8.68
CA ASN C 18 12.15 -11.98 -10.02
C ASN C 18 12.82 -10.62 -10.21
N GLY C 19 13.00 -9.87 -9.13
CA GLY C 19 13.63 -8.56 -9.26
C GLY C 19 12.71 -7.47 -9.80
N TYR C 20 13.17 -6.23 -9.74
CA TYR C 20 12.40 -5.10 -10.20
C TYR C 20 12.03 -5.08 -11.68
N ASN C 21 13.04 -5.15 -12.53
CA ASN C 21 12.82 -5.10 -13.97
C ASN C 21 11.91 -6.17 -14.53
N ALA C 22 12.04 -7.39 -14.02
CA ALA C 22 11.26 -8.51 -14.52
C ALA C 22 9.79 -8.51 -14.10
N THR C 23 9.49 -7.96 -12.92
CA THR C 23 8.13 -7.92 -12.43
C THR C 23 7.31 -6.94 -13.24
N THR C 24 6.08 -7.32 -13.58
CA THR C 24 5.20 -6.44 -14.36
C THR C 24 4.00 -6.11 -13.52
N THR C 25 3.36 -4.98 -13.82
CA THR C 25 2.18 -4.61 -13.05
C THR C 25 1.06 -5.53 -13.46
N GLY C 26 1.24 -6.22 -14.58
CA GLY C 26 0.23 -7.14 -15.04
C GLY C 26 0.17 -8.32 -14.10
N GLU C 27 1.35 -8.89 -13.84
CA GLU C 27 1.47 -10.01 -12.92
C GLU C 27 0.85 -9.60 -11.61
N ILE C 28 1.33 -8.49 -11.06
CA ILE C 28 0.84 -7.96 -9.81
C ILE C 28 -0.67 -7.88 -9.78
N VAL C 29 -1.25 -7.18 -10.75
CA VAL C 29 -2.71 -7.04 -10.81
C VAL C 29 -3.41 -8.39 -10.71
N LYS C 30 -3.03 -9.32 -11.58
CA LYS C 30 -3.67 -10.63 -11.59
C LYS C 30 -3.49 -11.44 -10.29
N LEU C 31 -2.26 -11.54 -9.80
CA LEU C 31 -1.99 -12.29 -8.58
C LEU C 31 -2.60 -11.72 -7.31
N SER C 32 -2.86 -10.43 -7.30
CA SER C 32 -3.45 -9.82 -6.11
C SER C 32 -4.96 -9.71 -6.32
N GLU C 33 -5.41 -10.24 -7.46
CA GLU C 33 -6.82 -10.24 -7.79
C GLU C 33 -7.41 -8.83 -7.77
N SER C 34 -6.65 -7.89 -8.29
CA SER C 34 -7.05 -6.49 -8.37
C SER C 34 -7.25 -6.10 -9.85
N SER C 35 -7.04 -4.84 -10.18
CA SER C 35 -7.21 -4.38 -11.56
C SER C 35 -6.21 -3.28 -11.93
N LYS C 36 -5.92 -3.14 -13.23
CA LYS C 36 -4.98 -2.12 -13.68
C LYS C 36 -5.47 -0.76 -13.19
N GLY C 37 -6.79 -0.61 -13.16
CA GLY C 37 -7.38 0.63 -12.71
C GLY C 37 -7.09 0.93 -11.26
N ASN C 38 -7.30 -0.07 -10.41
CA ASN C 38 -7.06 0.09 -8.99
C ASN C 38 -5.59 0.29 -8.65
N LEU C 39 -4.72 -0.42 -9.35
CA LEU C 39 -3.30 -0.27 -9.12
C LEU C 39 -2.87 1.14 -9.57
N TYR C 40 -3.48 1.64 -10.64
CA TYR C 40 -3.17 2.98 -11.12
C TYR C 40 -3.59 4.02 -10.08
N TYR C 41 -4.82 3.89 -9.61
CA TYR C 41 -5.37 4.79 -8.62
C TYR C 41 -4.58 4.81 -7.31
N HIS C 42 -3.88 3.73 -7.02
CA HIS C 42 -3.14 3.65 -5.76
C HIS C 42 -1.68 3.98 -5.86
N PHE C 43 -1.08 3.70 -7.01
CA PHE C 43 0.35 3.93 -7.17
C PHE C 43 0.78 4.62 -8.47
N LYS C 44 -0.10 4.66 -9.45
CA LYS C 44 0.21 5.29 -10.73
C LYS C 44 1.25 4.50 -11.55
N THR C 45 2.44 4.31 -10.99
CA THR C 45 3.52 3.61 -11.68
C THR C 45 4.17 2.51 -10.87
N LYS C 46 4.85 1.59 -11.56
CA LYS C 46 5.54 0.50 -10.88
C LYS C 46 6.56 1.11 -9.96
N GLU C 47 7.23 2.19 -10.41
CA GLU C 47 8.24 2.89 -9.61
C GLU C 47 7.65 3.41 -8.32
N ASN C 48 6.45 3.97 -8.42
CA ASN C 48 5.82 4.49 -7.23
C ASN C 48 5.43 3.35 -6.34
N LEU C 49 4.93 2.28 -6.96
CA LEU C 49 4.55 1.08 -6.23
C LEU C 49 5.76 0.62 -5.41
N PHE C 50 6.90 0.50 -6.09
CA PHE C 50 8.13 0.06 -5.45
C PHE C 50 8.62 0.98 -4.31
N LEU C 51 8.46 2.28 -4.46
CA LEU C 51 8.90 3.23 -3.43
C LEU C 51 8.03 3.14 -2.18
N GLU C 52 6.81 2.66 -2.40
CA GLU C 52 5.84 2.48 -1.34
C GLU C 52 6.20 1.22 -0.53
N ILE C 53 6.62 0.17 -1.22
CA ILE C 53 7.05 -1.04 -0.55
C ILE C 53 8.20 -0.57 0.34
N LEU C 54 9.15 0.13 -0.28
CA LEU C 54 10.33 0.66 0.41
C LEU C 54 10.00 1.46 1.67
N ASN C 55 8.93 2.25 1.59
CA ASN C 55 8.51 3.02 2.74
C ASN C 55 8.03 2.10 3.83
N ILE C 56 7.23 1.12 3.45
CA ILE C 56 6.71 0.16 4.41
C ILE C 56 7.90 -0.55 5.03
N GLU C 57 8.81 -1.02 4.19
CA GLU C 57 9.99 -1.71 4.66
C GLU C 57 10.78 -0.82 5.59
N GLN C 58 10.87 0.46 5.26
CA GLN C 58 11.56 1.42 6.11
C GLN C 58 10.91 1.42 7.50
N SER C 59 9.59 1.47 7.54
CA SER C 59 8.84 1.49 8.80
C SER C 59 9.16 0.30 9.66
N LYS C 60 9.09 -0.89 9.07
CA LYS C 60 9.38 -2.11 9.80
C LYS C 60 10.78 -2.02 10.41
N TRP C 61 11.76 -1.62 9.60
CA TRP C 61 13.13 -1.51 10.07
C TRP C 61 13.22 -0.61 11.28
N GLN C 62 12.56 0.53 11.18
CA GLN C 62 12.56 1.49 12.27
C GLN C 62 12.00 0.84 13.51
N GLU C 63 10.82 0.23 13.38
CA GLU C 63 10.17 -0.44 14.49
C GLU C 63 11.11 -1.47 15.14
N GLN C 64 11.70 -2.35 14.33
CA GLN C 64 12.61 -3.35 14.88
C GLN C 64 13.69 -2.66 15.71
N TRP C 65 14.31 -1.63 15.12
CA TRP C 65 15.37 -0.87 15.78
C TRP C 65 14.96 -0.35 17.15
N LYS C 66 13.68 -0.05 17.30
CA LYS C 66 13.11 0.45 18.56
C LYS C 66 13.21 -0.65 19.61
N LYS C 67 12.83 -1.86 19.23
CA LYS C 67 12.90 -2.98 20.17
C LYS C 67 14.35 -3.34 20.40
N GLU C 68 15.10 -3.44 19.32
CA GLU C 68 16.50 -3.84 19.37
C GLU C 68 17.48 -2.92 20.10
N GLN C 69 17.25 -1.60 20.07
CA GLN C 69 18.18 -0.66 20.72
C GLN C 69 18.15 -0.65 22.23
N ILE C 70 17.30 -1.48 22.81
CA ILE C 70 17.21 -1.58 24.24
C ILE C 70 18.40 -2.40 24.76
N LYS C 71 19.00 -3.19 23.88
CA LYS C 71 20.17 -3.99 24.24
C LYS C 71 21.41 -3.09 24.27
N ALA C 72 21.19 -1.79 24.10
CA ALA C 72 22.31 -0.86 24.08
C ALA C 72 22.01 0.29 25.03
N LYS C 73 22.59 0.22 26.23
CA LYS C 73 22.35 1.25 27.23
C LYS C 73 22.81 2.64 26.79
N THR C 74 24.09 2.76 26.48
CA THR C 74 24.65 4.05 26.05
C THR C 74 24.58 4.25 24.55
N ASN C 75 24.69 5.50 24.14
CA ASN C 75 24.65 5.86 22.74
C ASN C 75 25.87 5.38 21.98
N ARG C 76 27.01 5.30 22.67
CA ARG C 76 28.22 4.80 22.01
C ARG C 76 27.90 3.37 21.57
N GLU C 77 27.16 2.67 22.43
CA GLU C 77 26.76 1.30 22.17
C GLU C 77 25.74 1.21 21.05
N LYS C 78 24.76 2.10 21.08
CA LYS C 78 23.74 2.10 20.04
C LYS C 78 24.40 2.28 18.65
N PHE C 79 25.41 3.13 18.59
CA PHE C 79 26.12 3.35 17.32
C PHE C 79 26.73 2.02 16.87
N TYR C 80 27.50 1.40 17.75
CA TYR C 80 28.12 0.10 17.45
C TYR C 80 27.06 -0.88 16.97
N LEU C 81 26.03 -1.07 17.78
CA LEU C 81 24.93 -1.99 17.48
C LEU C 81 24.25 -1.72 16.16
N TYR C 82 23.83 -0.47 15.98
CA TYR C 82 23.13 -0.09 14.77
C TYR C 82 23.89 -0.44 13.50
N ASN C 83 25.19 -0.17 13.47
CA ASN C 83 26.00 -0.45 12.29
C ASN C 83 26.12 -1.92 12.00
N GLU C 84 26.28 -2.71 13.05
CA GLU C 84 26.39 -4.17 12.91
C GLU C 84 25.10 -4.71 12.30
N LEU C 85 23.96 -4.32 12.87
CA LEU C 85 22.66 -4.78 12.35
C LEU C 85 22.51 -4.46 10.88
N SER C 86 22.97 -3.27 10.52
CA SER C 86 22.87 -2.81 9.16
C SER C 86 23.62 -3.74 8.24
N LEU C 87 24.74 -4.27 8.75
CA LEU C 87 25.58 -5.16 7.98
C LEU C 87 24.98 -6.54 7.90
N THR C 88 24.75 -7.16 9.04
CA THR C 88 24.18 -8.51 9.05
C THR C 88 22.81 -8.59 8.39
N THR C 89 21.86 -7.79 8.85
CA THR C 89 20.55 -7.84 8.21
C THR C 89 20.60 -7.67 6.69
N GLU C 90 21.52 -6.87 6.15
CA GLU C 90 21.52 -6.70 4.68
C GLU C 90 22.13 -7.92 3.97
N TYR C 91 22.88 -8.74 4.70
CA TYR C 91 23.51 -9.92 4.12
C TYR C 91 22.45 -10.86 3.57
N TYR C 92 21.35 -10.99 4.30
CA TYR C 92 20.25 -11.89 3.92
C TYR C 92 18.90 -11.21 3.70
N TYR C 93 18.91 -10.04 3.06
CA TYR C 93 17.70 -9.26 2.79
C TYR C 93 17.25 -9.61 1.38
N PRO C 94 16.03 -10.17 1.23
CA PRO C 94 15.48 -10.57 -0.08
C PRO C 94 15.31 -9.46 -1.08
N LEU C 95 14.87 -8.31 -0.61
CA LEU C 95 14.66 -7.18 -1.51
C LEU C 95 15.93 -6.52 -2.03
N GLN C 96 17.04 -6.69 -1.31
CA GLN C 96 18.28 -6.05 -1.70
C GLN C 96 18.54 -6.02 -3.19
N ASN C 97 18.28 -7.12 -3.88
CA ASN C 97 18.55 -7.13 -5.32
C ASN C 97 17.57 -6.31 -6.14
N ALA C 98 16.32 -6.26 -5.71
CA ALA C 98 15.32 -5.49 -6.42
C ALA C 98 15.69 -4.04 -6.19
N ILE C 99 16.10 -3.70 -4.95
CA ILE C 99 16.49 -2.34 -4.61
C ILE C 99 17.59 -1.90 -5.58
N ILE C 100 18.68 -2.66 -5.62
CA ILE C 100 19.80 -2.34 -6.50
C ILE C 100 19.38 -2.12 -7.94
N GLU C 101 18.56 -3.01 -8.50
CA GLU C 101 18.09 -2.81 -9.87
C GLU C 101 17.46 -1.41 -9.96
N PHE C 102 16.48 -1.18 -9.09
CA PHE C 102 15.76 0.07 -9.01
C PHE C 102 16.65 1.28 -8.89
N TYR C 103 17.42 1.34 -7.80
CA TYR C 103 18.35 2.44 -7.52
C TYR C 103 19.27 2.75 -8.70
N THR C 104 19.88 1.71 -9.26
CA THR C 104 20.80 1.85 -10.39
C THR C 104 20.03 1.89 -11.70
N GLU C 105 18.80 2.36 -11.65
CA GLU C 105 17.97 2.41 -12.85
C GLU C 105 17.24 3.74 -12.84
N TYR C 106 17.19 4.37 -11.67
CA TYR C 106 16.56 5.66 -11.51
C TYR C 106 17.56 6.67 -10.97
N TYR C 107 18.82 6.38 -11.28
CA TYR C 107 19.96 7.21 -10.91
C TYR C 107 19.93 8.41 -11.85
N LYS C 108 19.39 8.18 -13.05
CA LYS C 108 19.28 9.20 -14.09
C LYS C 108 18.04 10.08 -13.92
N THR C 109 16.92 9.46 -13.53
CA THR C 109 15.65 10.19 -13.35
C THR C 109 15.62 11.04 -12.09
N ASN C 110 15.60 12.36 -12.27
CA ASN C 110 15.57 13.29 -11.15
C ASN C 110 14.18 13.46 -10.58
N SER C 111 13.21 12.77 -11.17
CA SER C 111 11.83 12.85 -10.70
C SER C 111 11.71 12.04 -9.41
N ILE C 112 12.20 10.81 -9.47
CA ILE C 112 12.18 9.89 -8.34
C ILE C 112 13.07 10.40 -7.21
N ASN C 113 13.97 11.32 -7.54
CA ASN C 113 14.89 11.89 -6.55
C ASN C 113 14.19 12.50 -5.35
N GLU C 114 12.90 12.82 -5.49
CA GLU C 114 12.16 13.43 -4.39
C GLU C 114 11.90 12.43 -3.26
N LYS C 115 11.01 11.46 -3.51
CA LYS C 115 10.67 10.43 -2.51
C LYS C 115 11.90 9.61 -2.13
N MET C 116 12.75 9.36 -3.11
CA MET C 116 13.97 8.59 -2.91
C MET C 116 14.82 9.25 -1.82
N ASN C 117 14.70 10.57 -1.69
CA ASN C 117 15.47 11.30 -0.69
C ASN C 117 14.75 11.42 0.67
N LYS C 118 13.43 11.50 0.67
CA LYS C 118 12.70 11.56 1.94
C LYS C 118 12.94 10.23 2.65
N LEU C 119 13.13 9.20 1.84
CA LEU C 119 13.37 7.86 2.33
C LEU C 119 14.75 7.76 2.98
N GLU C 120 15.77 8.19 2.24
CA GLU C 120 17.11 8.14 2.76
C GLU C 120 17.22 9.00 4.02
N ASN C 121 16.59 10.16 4.01
CA ASN C 121 16.68 11.01 5.18
C ASN C 121 16.17 10.27 6.39
N LYS C 122 15.09 9.51 6.23
CA LYS C 122 14.55 8.74 7.34
C LYS C 122 15.60 7.82 7.95
N TYR C 123 16.43 7.20 7.11
CA TYR C 123 17.46 6.32 7.62
C TYR C 123 18.50 7.08 8.40
N ILE C 124 18.80 8.29 7.97
CA ILE C 124 19.80 9.09 8.65
C ILE C 124 19.34 9.58 10.03
N ASP C 125 18.03 9.75 10.21
CA ASP C 125 17.52 10.21 11.49
C ASP C 125 17.95 9.29 12.60
N ALA C 126 17.98 8.01 12.33
CA ALA C 126 18.42 7.03 13.33
C ALA C 126 19.73 7.48 13.94
N TYR C 127 20.68 7.87 13.08
CA TYR C 127 22.01 8.31 13.51
C TYR C 127 21.92 9.64 14.17
N HIS C 128 21.10 10.51 13.59
CA HIS C 128 20.91 11.84 14.12
C HIS C 128 20.50 11.71 15.58
N VAL C 129 19.54 10.83 15.85
CA VAL C 129 19.08 10.63 17.22
C VAL C 129 20.21 10.10 18.10
N ILE C 130 20.98 9.13 17.59
CA ILE C 130 22.08 8.57 18.36
C ILE C 130 22.99 9.71 18.84
N PHE C 131 23.51 10.49 17.89
CA PHE C 131 24.43 11.59 18.20
C PHE C 131 23.88 12.70 19.08
N LYS C 132 22.65 13.13 18.82
CA LYS C 132 22.03 14.17 19.62
C LYS C 132 22.05 13.71 21.07
N GLU C 133 21.40 12.58 21.33
CA GLU C 133 21.34 12.03 22.66
C GLU C 133 22.75 11.87 23.23
N GLY C 134 23.72 11.60 22.36
CA GLY C 134 25.07 11.44 22.82
C GLY C 134 25.56 12.73 23.45
N ASN C 135 25.19 13.84 22.82
CA ASN C 135 25.54 15.17 23.29
C ASN C 135 24.94 15.41 24.68
N LEU C 136 23.62 15.26 24.78
CA LEU C 136 22.90 15.46 26.03
C LEU C 136 23.25 14.47 27.13
N ASN C 137 24.38 13.78 27.00
CA ASN C 137 24.81 12.81 28.00
C ASN C 137 26.32 12.83 28.07
N GLY C 138 26.90 13.84 27.43
CA GLY C 138 28.34 14.00 27.43
C GLY C 138 29.08 12.74 27.05
N GLU C 139 28.60 12.05 26.01
CA GLU C 139 29.27 10.84 25.54
C GLU C 139 30.31 11.34 24.55
N TRP C 140 30.02 12.52 24.00
CA TRP C 140 30.86 13.18 23.02
C TRP C 140 30.28 14.57 22.87
N SER C 141 30.91 15.39 22.04
CA SER C 141 30.39 16.73 21.81
C SER C 141 30.44 17.04 20.32
N ILE C 142 29.29 16.96 19.66
CA ILE C 142 29.23 17.25 18.24
C ILE C 142 28.43 18.53 18.11
N ASN C 143 28.88 19.47 17.30
CA ASN C 143 28.14 20.71 17.13
C ASN C 143 27.52 20.75 15.74
N ASP C 144 27.91 19.79 14.90
CA ASP C 144 27.37 19.69 13.55
C ASP C 144 26.75 18.31 13.35
N VAL C 145 25.86 17.93 14.26
CA VAL C 145 25.20 16.64 14.21
C VAL C 145 24.70 16.26 12.82
N ASN C 146 23.80 17.03 12.25
CA ASN C 146 23.31 16.71 10.92
C ASN C 146 24.42 16.21 10.01
N ALA C 147 25.55 16.91 10.02
CA ALA C 147 26.67 16.54 9.18
C ALA C 147 27.23 15.18 9.56
N VAL C 148 27.65 15.05 10.81
CA VAL C 148 28.19 13.78 11.28
C VAL C 148 27.21 12.63 10.96
N SER C 149 25.91 12.90 11.08
CA SER C 149 24.87 11.92 10.80
C SER C 149 24.87 11.47 9.34
N LYS C 150 24.92 12.40 8.40
CA LYS C 150 24.93 12.04 6.99
C LYS C 150 26.22 11.27 6.69
N ILE C 151 27.31 11.64 7.35
CA ILE C 151 28.57 10.97 7.12
C ILE C 151 28.55 9.52 7.58
N ALA C 152 28.16 9.28 8.82
CA ALA C 152 28.09 7.92 9.37
C ALA C 152 27.23 7.05 8.47
N ALA C 153 26.01 7.53 8.24
CA ALA C 153 25.08 6.80 7.41
C ALA C 153 25.71 6.43 6.07
N ASN C 154 26.45 7.33 5.44
CA ASN C 154 27.03 6.97 4.15
C ASN C 154 28.35 6.17 4.25
N ALA C 155 29.13 6.41 5.28
CA ALA C 155 30.38 5.69 5.47
C ALA C 155 30.04 4.25 5.81
N VAL C 156 29.08 4.07 6.72
CA VAL C 156 28.66 2.74 7.12
C VAL C 156 28.03 1.96 5.98
N ASN C 157 27.18 2.59 5.18
CA ASN C 157 26.55 1.87 4.07
C ASN C 157 27.57 1.46 3.02
N GLY C 158 28.65 2.22 2.91
CA GLY C 158 29.68 1.92 1.93
C GLY C 158 30.42 0.66 2.34
N ILE C 159 30.71 0.56 3.62
CA ILE C 159 31.39 -0.61 4.16
C ILE C 159 30.47 -1.83 3.93
N VAL C 160 29.18 -1.65 4.19
CA VAL C 160 28.19 -2.71 4.02
C VAL C 160 28.04 -3.14 2.56
N THR C 161 27.94 -2.16 1.67
CA THR C 161 27.74 -2.41 0.24
C THR C 161 28.94 -2.83 -0.60
N PHE C 162 30.15 -2.45 -0.19
CA PHE C 162 31.31 -2.79 -1.00
C PHE C 162 32.21 -3.85 -0.40
N THR C 163 32.14 -4.05 0.91
CA THR C 163 32.98 -5.07 1.53
C THR C 163 32.70 -6.42 0.89
N HIS C 164 31.47 -6.61 0.40
CA HIS C 164 31.09 -7.88 -0.22
C HIS C 164 32.27 -8.48 -0.97
N GLU C 165 32.96 -9.41 -0.30
CA GLU C 165 34.13 -10.06 -0.86
C GLU C 165 34.86 -10.79 0.27
N GLN C 166 34.20 -10.95 1.41
CA GLN C 166 34.84 -11.60 2.55
C GLN C 166 33.90 -12.47 3.38
N ASN C 167 34.47 -13.23 4.33
CA ASN C 167 33.67 -14.09 5.21
C ASN C 167 32.98 -13.23 6.28
N ILE C 168 31.69 -13.43 6.43
CA ILE C 168 30.87 -12.68 7.35
C ILE C 168 31.54 -12.27 8.67
N ASN C 169 32.52 -13.01 9.15
CA ASN C 169 33.16 -12.63 10.41
C ASN C 169 34.08 -11.43 10.25
N GLU C 170 34.90 -11.48 9.22
CA GLU C 170 35.83 -10.40 8.90
C GLU C 170 35.05 -9.08 8.77
N ARG C 171 33.95 -9.13 8.02
CA ARG C 171 33.10 -7.97 7.84
C ARG C 171 32.61 -7.39 9.17
N ILE C 172 32.01 -8.22 10.02
CA ILE C 172 31.53 -7.73 11.32
C ILE C 172 32.74 -7.12 12.04
N LYS C 173 33.92 -7.71 11.85
CA LYS C 173 35.14 -7.23 12.50
C LYS C 173 35.52 -5.83 11.99
N LEU C 174 35.64 -5.70 10.68
CA LEU C 174 35.95 -4.43 10.06
C LEU C 174 34.93 -3.38 10.47
N MET C 175 33.66 -3.74 10.41
CA MET C 175 32.62 -2.79 10.77
C MET C 175 32.78 -2.32 12.20
N ASN C 176 33.14 -3.23 13.11
CA ASN C 176 33.32 -2.80 14.49
C ASN C 176 34.56 -1.95 14.67
N LYS C 177 35.56 -2.19 13.82
CA LYS C 177 36.77 -1.41 13.90
C LYS C 177 36.41 0.00 13.47
N PHE C 178 35.64 0.09 12.38
CA PHE C 178 35.21 1.40 11.88
C PHE C 178 34.47 2.17 12.98
N SER C 179 33.42 1.56 13.53
CA SER C 179 32.65 2.22 14.59
C SER C 179 33.57 2.70 15.70
N GLN C 180 34.61 1.92 15.96
CA GLN C 180 35.55 2.28 17.02
C GLN C 180 36.30 3.55 16.71
N ILE C 181 36.94 3.56 15.54
CA ILE C 181 37.71 4.71 15.05
C ILE C 181 36.86 5.95 15.00
N PHE C 182 35.72 5.84 14.33
CA PHE C 182 34.81 6.96 14.16
C PHE C 182 34.43 7.60 15.49
N LEU C 183 33.91 6.81 16.41
CA LEU C 183 33.51 7.34 17.69
C LEU C 183 34.71 7.97 18.42
N ASN C 184 35.91 7.51 18.11
CA ASN C 184 37.11 8.03 18.75
C ASN C 184 37.40 9.44 18.27
N GLY C 185 37.47 9.61 16.96
CA GLY C 185 37.73 10.92 16.38
C GLY C 185 36.67 11.98 16.66
N LEU C 186 35.89 11.82 17.73
CA LEU C 186 34.87 12.79 18.07
C LEU C 186 35.17 13.38 19.44
N SER C 187 36.36 13.07 19.97
CA SER C 187 36.74 13.55 21.29
C SER C 187 38.01 14.40 21.28
N ASN D 2 -4.43 5.96 -23.05
CA ASN D 2 -5.67 5.37 -22.50
C ASN D 2 -6.17 6.21 -21.33
N LEU D 3 -6.11 7.54 -21.46
CA LEU D 3 -6.59 8.43 -20.42
C LEU D 3 -8.00 8.02 -20.03
N LYS D 4 -8.76 7.51 -21.01
CA LYS D 4 -10.11 7.06 -20.76
C LYS D 4 -10.08 6.01 -19.65
N ASP D 5 -9.12 5.09 -19.75
CA ASP D 5 -8.97 4.04 -18.76
C ASP D 5 -8.55 4.55 -17.38
N LYS D 6 -7.62 5.50 -17.37
CA LYS D 6 -7.19 6.10 -16.11
C LYS D 6 -8.37 6.79 -15.45
N ILE D 7 -9.26 7.39 -16.26
CA ILE D 7 -10.44 8.10 -15.75
C ILE D 7 -11.36 7.08 -15.09
N LEU D 8 -11.77 6.07 -15.86
CA LEU D 8 -12.64 5.03 -15.36
C LEU D 8 -12.08 4.35 -14.10
N GLY D 9 -10.77 4.08 -14.11
CA GLY D 9 -10.14 3.43 -12.97
C GLY D 9 -10.19 4.28 -11.74
N VAL D 10 -9.75 5.52 -11.86
CA VAL D 10 -9.76 6.44 -10.74
C VAL D 10 -11.18 6.76 -10.30
N ALA D 11 -12.07 6.97 -11.27
CA ALA D 11 -13.45 7.30 -10.94
C ALA D 11 -14.07 6.17 -10.10
N LYS D 12 -14.00 4.94 -10.58
CA LYS D 12 -14.56 3.81 -9.84
C LYS D 12 -14.08 3.76 -8.40
N GLU D 13 -12.78 4.01 -8.18
CA GLU D 13 -12.25 3.96 -6.83
C GLU D 13 -12.82 5.08 -5.98
N LEU D 14 -12.86 6.28 -6.54
CA LEU D 14 -13.38 7.43 -5.80
C LEU D 14 -14.83 7.20 -5.45
N PHE D 15 -15.61 6.75 -6.42
CA PHE D 15 -17.03 6.47 -6.16
C PHE D 15 -17.14 5.46 -5.01
N ILE D 16 -16.30 4.45 -5.00
CA ILE D 16 -16.33 3.44 -3.95
C ILE D 16 -15.95 3.99 -2.59
N LYS D 17 -15.01 4.91 -2.57
CA LYS D 17 -14.54 5.49 -1.32
C LYS D 17 -15.44 6.60 -0.78
N ASN D 18 -15.67 7.62 -1.61
CA ASN D 18 -16.48 8.79 -1.23
C ASN D 18 -17.99 8.65 -1.32
N GLY D 19 -18.46 8.02 -2.39
CA GLY D 19 -19.88 7.88 -2.61
C GLY D 19 -20.10 8.60 -3.93
N TYR D 20 -21.35 8.71 -4.38
CA TYR D 20 -21.61 9.37 -5.65
C TYR D 20 -21.60 10.89 -5.56
N ASN D 21 -22.19 11.43 -4.52
CA ASN D 21 -22.25 12.86 -4.40
C ASN D 21 -20.92 13.54 -4.10
N ALA D 22 -20.19 13.05 -3.11
CA ALA D 22 -18.91 13.67 -2.78
C ALA D 22 -17.85 13.54 -3.86
N THR D 23 -18.07 12.63 -4.80
CA THR D 23 -17.08 12.44 -5.86
C THR D 23 -17.34 13.42 -6.98
N THR D 24 -16.40 14.34 -7.18
CA THR D 24 -16.56 15.34 -8.23
C THR D 24 -15.65 15.12 -9.43
N THR D 25 -16.16 15.50 -10.58
CA THR D 25 -15.46 15.37 -11.85
C THR D 25 -14.06 15.99 -11.77
N GLY D 26 -13.89 16.98 -10.90
CA GLY D 26 -12.60 17.63 -10.76
C GLY D 26 -11.57 16.76 -10.07
N GLU D 27 -11.93 16.28 -8.88
CA GLU D 27 -11.07 15.39 -8.09
C GLU D 27 -10.65 14.19 -8.94
N ILE D 28 -11.59 13.70 -9.76
CA ILE D 28 -11.29 12.58 -10.64
C ILE D 28 -10.15 12.99 -11.53
N VAL D 29 -10.37 14.06 -12.29
CA VAL D 29 -9.39 14.58 -13.22
C VAL D 29 -8.01 14.77 -12.60
N LYS D 30 -7.96 15.33 -11.40
CA LYS D 30 -6.70 15.54 -10.70
C LYS D 30 -5.93 14.22 -10.58
N LEU D 31 -6.50 13.28 -9.81
CA LEU D 31 -5.89 11.97 -9.59
C LEU D 31 -5.69 11.10 -10.82
N SER D 32 -6.12 11.55 -11.98
CA SER D 32 -5.95 10.73 -13.18
C SER D 32 -5.02 11.38 -14.19
N GLU D 33 -4.32 12.44 -13.74
CA GLU D 33 -3.42 13.17 -14.62
C GLU D 33 -4.14 13.46 -15.92
N SER D 34 -5.20 14.25 -15.85
CA SER D 34 -5.97 14.59 -17.01
C SER D 34 -6.62 15.97 -16.85
N SER D 35 -7.60 16.26 -17.70
CA SER D 35 -8.31 17.53 -17.66
C SER D 35 -9.82 17.35 -17.73
N LYS D 36 -10.55 18.28 -17.12
CA LYS D 36 -12.01 18.20 -17.15
C LYS D 36 -12.40 18.16 -18.62
N GLY D 37 -11.79 19.03 -19.41
CA GLY D 37 -12.08 19.06 -20.83
C GLY D 37 -11.98 17.65 -21.39
N ASN D 38 -10.81 17.04 -21.19
CA ASN D 38 -10.57 15.70 -21.66
C ASN D 38 -11.60 14.70 -21.11
N LEU D 39 -11.95 14.84 -19.84
CA LEU D 39 -12.91 13.93 -19.23
C LEU D 39 -14.26 14.06 -19.92
N TYR D 40 -14.75 15.32 -19.99
CA TYR D 40 -16.04 15.62 -20.61
C TYR D 40 -16.13 15.21 -22.05
N TYR D 41 -15.04 15.40 -22.79
CA TYR D 41 -15.01 14.99 -24.19
C TYR D 41 -15.33 13.49 -24.25
N HIS D 42 -14.55 12.70 -23.51
CA HIS D 42 -14.72 11.24 -23.45
C HIS D 42 -16.06 10.77 -22.88
N PHE D 43 -16.50 11.43 -21.82
CA PHE D 43 -17.77 11.08 -21.21
C PHE D 43 -18.61 12.33 -21.17
N LYS D 44 -19.84 12.23 -21.67
CA LYS D 44 -20.74 13.38 -21.73
C LYS D 44 -20.79 14.11 -20.38
N THR D 45 -21.23 13.37 -19.37
CA THR D 45 -21.37 13.91 -18.02
C THR D 45 -20.82 12.92 -16.99
N LYS D 46 -20.98 13.28 -15.73
CA LYS D 46 -20.52 12.44 -14.63
C LYS D 46 -21.49 11.29 -14.51
N GLU D 47 -22.78 11.62 -14.59
CA GLU D 47 -23.83 10.63 -14.51
C GLU D 47 -23.58 9.57 -15.58
N ASN D 48 -23.20 10.00 -16.79
CA ASN D 48 -22.93 9.09 -17.89
C ASN D 48 -21.66 8.29 -17.56
N LEU D 49 -20.65 8.95 -17.00
CA LEU D 49 -19.40 8.26 -16.62
C LEU D 49 -19.74 7.13 -15.64
N PHE D 50 -20.42 7.46 -14.56
CA PHE D 50 -20.80 6.50 -13.55
C PHE D 50 -21.58 5.34 -14.14
N LEU D 51 -22.45 5.67 -15.10
CA LEU D 51 -23.28 4.67 -15.75
C LEU D 51 -22.42 3.70 -16.59
N GLU D 52 -21.39 4.19 -17.24
CA GLU D 52 -20.54 3.29 -18.01
C GLU D 52 -19.77 2.39 -17.06
N ILE D 53 -19.37 2.94 -15.92
CA ILE D 53 -18.65 2.16 -14.93
C ILE D 53 -19.56 1.02 -14.49
N LEU D 54 -20.83 1.34 -14.26
CA LEU D 54 -21.80 0.33 -13.84
C LEU D 54 -21.96 -0.73 -14.91
N ASN D 55 -21.88 -0.31 -16.16
CA ASN D 55 -22.01 -1.24 -17.25
C ASN D 55 -20.87 -2.25 -17.21
N ILE D 56 -19.64 -1.74 -17.12
CA ILE D 56 -18.46 -2.58 -17.05
C ILE D 56 -18.55 -3.53 -15.83
N GLU D 57 -18.91 -2.99 -14.67
CA GLU D 57 -18.99 -3.82 -13.50
C GLU D 57 -19.85 -5.07 -13.67
N GLN D 58 -21.12 -4.91 -14.02
CA GLN D 58 -21.98 -6.09 -14.16
C GLN D 58 -21.49 -7.00 -15.25
N SER D 59 -20.83 -6.44 -16.25
CA SER D 59 -20.32 -7.25 -17.33
C SER D 59 -19.22 -8.17 -16.77
N LYS D 60 -18.25 -7.60 -16.06
CA LYS D 60 -17.17 -8.39 -15.47
C LYS D 60 -17.74 -9.42 -14.48
N TRP D 61 -18.68 -8.99 -13.65
CA TRP D 61 -19.32 -9.87 -12.66
C TRP D 61 -20.03 -11.03 -13.35
N GLN D 62 -20.76 -10.72 -14.41
CA GLN D 62 -21.48 -11.76 -15.12
C GLN D 62 -20.46 -12.75 -15.68
N GLU D 63 -19.37 -12.21 -16.22
CA GLU D 63 -18.30 -13.02 -16.78
C GLU D 63 -17.63 -13.91 -15.73
N GLN D 64 -17.40 -13.35 -14.55
CA GLN D 64 -16.79 -14.10 -13.45
C GLN D 64 -17.75 -15.23 -13.03
N TRP D 65 -19.00 -14.88 -12.75
CA TRP D 65 -19.99 -15.87 -12.34
C TRP D 65 -20.16 -16.94 -13.41
N LYS D 66 -20.06 -16.55 -14.67
CA LYS D 66 -20.20 -17.50 -15.77
C LYS D 66 -19.19 -18.65 -15.68
N LYS D 67 -17.93 -18.32 -15.39
CA LYS D 67 -16.90 -19.33 -15.33
C LYS D 67 -16.61 -19.83 -13.93
N GLU D 68 -17.55 -19.64 -13.03
CA GLU D 68 -17.33 -20.06 -11.66
C GLU D 68 -18.50 -20.92 -11.21
N GLN D 69 -19.63 -20.78 -11.88
CA GLN D 69 -20.81 -21.54 -11.53
C GLN D 69 -20.58 -23.02 -11.84
N ILE D 70 -19.66 -23.27 -12.78
CA ILE D 70 -19.31 -24.63 -13.18
C ILE D 70 -18.87 -25.45 -11.97
N LYS D 71 -18.21 -24.80 -11.02
CA LYS D 71 -17.71 -25.45 -9.83
C LYS D 71 -18.84 -26.00 -8.97
N ALA D 72 -20.06 -25.59 -9.28
CA ALA D 72 -21.22 -26.03 -8.51
C ALA D 72 -22.09 -26.99 -9.32
N LYS D 73 -22.31 -28.15 -8.75
CA LYS D 73 -23.10 -29.20 -9.36
C LYS D 73 -24.57 -28.80 -9.42
N THR D 74 -25.20 -28.81 -8.26
CA THR D 74 -26.61 -28.49 -8.13
C THR D 74 -26.84 -27.00 -8.05
N ASN D 75 -28.10 -26.59 -8.14
CA ASN D 75 -28.46 -25.17 -8.05
C ASN D 75 -28.50 -24.81 -6.59
N ARG D 76 -28.75 -25.81 -5.77
CA ARG D 76 -28.80 -25.61 -4.32
C ARG D 76 -27.40 -25.12 -3.92
N GLU D 77 -26.39 -25.58 -4.65
CA GLU D 77 -25.01 -25.18 -4.36
C GLU D 77 -24.63 -23.88 -5.07
N LYS D 78 -25.09 -23.71 -6.31
CA LYS D 78 -24.79 -22.49 -7.04
C LYS D 78 -25.24 -21.29 -6.21
N PHE D 79 -26.36 -21.46 -5.51
CA PHE D 79 -26.89 -20.40 -4.65
C PHE D 79 -25.86 -20.12 -3.57
N TYR D 80 -25.38 -21.17 -2.91
CA TYR D 80 -24.37 -21.03 -1.87
C TYR D 80 -23.15 -20.29 -2.40
N LEU D 81 -22.65 -20.77 -3.54
CA LEU D 81 -21.48 -20.20 -4.18
C LEU D 81 -21.70 -18.71 -4.47
N TYR D 82 -22.56 -18.40 -5.43
CA TYR D 82 -22.86 -17.02 -5.78
C TYR D 82 -22.92 -16.05 -4.59
N ASN D 83 -23.59 -16.44 -3.52
CA ASN D 83 -23.70 -15.57 -2.36
C ASN D 83 -22.33 -15.29 -1.75
N GLU D 84 -21.52 -16.33 -1.60
CA GLU D 84 -20.18 -16.21 -1.02
C GLU D 84 -19.29 -15.40 -1.96
N LEU D 85 -19.43 -15.63 -3.26
CA LEU D 85 -18.66 -14.92 -4.26
C LEU D 85 -18.93 -13.42 -4.19
N SER D 86 -20.09 -13.06 -3.65
CA SER D 86 -20.46 -11.66 -3.53
C SER D 86 -19.63 -10.97 -2.47
N LEU D 87 -19.24 -11.73 -1.46
CA LEU D 87 -18.41 -11.21 -0.37
C LEU D 87 -17.00 -10.91 -0.82
N THR D 88 -16.53 -11.70 -1.79
CA THR D 88 -15.16 -11.57 -2.24
C THR D 88 -14.90 -10.84 -3.55
N THR D 89 -15.85 -10.88 -4.48
CA THR D 89 -15.68 -10.23 -5.78
C THR D 89 -15.39 -8.75 -5.64
N GLU D 90 -14.68 -8.20 -6.62
CA GLU D 90 -14.34 -6.78 -6.60
C GLU D 90 -15.23 -6.04 -7.60
N TYR D 91 -16.31 -6.71 -8.01
CA TYR D 91 -17.22 -6.14 -8.98
C TYR D 91 -18.61 -5.79 -8.45
N TYR D 92 -19.13 -4.68 -8.95
CA TYR D 92 -20.43 -4.17 -8.58
C TYR D 92 -20.65 -4.00 -7.09
N TYR D 93 -20.68 -5.11 -6.35
CA TYR D 93 -20.92 -5.04 -4.92
C TYR D 93 -20.19 -3.97 -4.11
N PRO D 94 -18.96 -3.61 -4.51
CA PRO D 94 -18.29 -2.58 -3.70
C PRO D 94 -18.84 -1.16 -3.95
N LEU D 95 -19.63 -1.02 -5.01
CA LEU D 95 -20.22 0.25 -5.42
C LEU D 95 -21.68 0.39 -4.99
N GLN D 96 -22.19 -0.50 -4.16
CA GLN D 96 -23.57 -0.43 -3.75
C GLN D 96 -24.00 0.95 -3.32
N ASN D 97 -23.32 1.49 -2.31
CA ASN D 97 -23.66 2.81 -1.82
C ASN D 97 -23.83 3.81 -2.95
N ALA D 98 -22.78 4.04 -3.73
CA ALA D 98 -22.88 4.96 -4.84
C ALA D 98 -24.08 4.64 -5.75
N ILE D 99 -24.35 3.36 -5.99
CA ILE D 99 -25.50 2.97 -6.82
C ILE D 99 -26.80 3.41 -6.14
N ILE D 100 -26.91 3.22 -4.83
CA ILE D 100 -28.13 3.62 -4.13
C ILE D 100 -28.31 5.12 -4.36
N GLU D 101 -27.32 5.89 -3.90
CA GLU D 101 -27.34 7.34 -4.07
C GLU D 101 -27.74 7.76 -5.48
N PHE D 102 -26.96 7.36 -6.45
CA PHE D 102 -27.24 7.72 -7.84
C PHE D 102 -28.69 7.47 -8.21
N TYR D 103 -29.18 6.28 -7.88
CA TYR D 103 -30.56 5.92 -8.20
C TYR D 103 -31.58 6.83 -7.51
N THR D 104 -31.45 7.03 -6.20
CA THR D 104 -32.41 7.88 -5.52
C THR D 104 -32.36 9.29 -6.09
N GLU D 105 -31.23 9.65 -6.69
CA GLU D 105 -31.07 10.99 -7.24
C GLU D 105 -31.47 11.21 -8.69
N TYR D 106 -31.54 10.16 -9.50
CA TYR D 106 -31.92 10.33 -10.90
C TYR D 106 -32.97 9.30 -11.27
N TYR D 107 -33.76 8.86 -10.30
CA TYR D 107 -34.77 7.84 -10.61
C TYR D 107 -36.01 8.43 -11.24
N LYS D 108 -35.94 9.71 -11.59
CA LYS D 108 -37.06 10.39 -12.25
C LYS D 108 -36.74 10.54 -13.73
N THR D 109 -35.47 10.80 -14.04
CA THR D 109 -35.07 10.96 -15.43
C THR D 109 -35.45 9.70 -16.20
N ASN D 110 -36.14 9.89 -17.32
CA ASN D 110 -36.59 8.79 -18.17
C ASN D 110 -35.46 7.87 -18.61
N SER D 111 -34.54 8.42 -19.41
CA SER D 111 -33.41 7.66 -19.94
C SER D 111 -32.65 6.88 -18.86
N ILE D 112 -32.18 7.61 -17.85
CA ILE D 112 -31.44 7.01 -16.75
C ILE D 112 -32.18 5.85 -16.12
N ASN D 113 -33.37 6.12 -15.59
CA ASN D 113 -34.18 5.09 -14.95
C ASN D 113 -34.31 3.78 -15.76
N GLU D 114 -34.42 3.87 -17.09
CA GLU D 114 -34.52 2.65 -17.89
C GLU D 114 -33.22 1.88 -17.87
N LYS D 115 -32.14 2.55 -18.28
CA LYS D 115 -30.81 1.95 -18.29
C LYS D 115 -30.57 1.29 -16.94
N MET D 116 -30.97 2.00 -15.90
CA MET D 116 -30.84 1.58 -14.51
C MET D 116 -31.64 0.32 -14.19
N ASN D 117 -32.92 0.29 -14.57
CA ASN D 117 -33.76 -0.88 -14.29
C ASN D 117 -33.23 -2.09 -15.05
N LYS D 118 -32.71 -1.84 -16.25
CA LYS D 118 -32.13 -2.90 -17.06
C LYS D 118 -30.94 -3.50 -16.31
N LEU D 119 -30.11 -2.64 -15.74
CA LEU D 119 -28.96 -3.10 -14.97
C LEU D 119 -29.49 -3.87 -13.77
N GLU D 120 -30.49 -3.30 -13.12
CA GLU D 120 -31.09 -3.92 -11.94
C GLU D 120 -31.62 -5.29 -12.27
N ASN D 121 -32.18 -5.43 -13.46
CA ASN D 121 -32.72 -6.72 -13.84
C ASN D 121 -31.65 -7.78 -14.01
N LYS D 122 -30.55 -7.41 -14.67
CA LYS D 122 -29.47 -8.36 -14.87
C LYS D 122 -28.89 -8.92 -13.57
N TYR D 123 -28.92 -8.13 -12.50
CA TYR D 123 -28.40 -8.62 -11.22
C TYR D 123 -29.32 -9.65 -10.59
N ILE D 124 -30.63 -9.40 -10.66
CA ILE D 124 -31.60 -10.33 -10.09
C ILE D 124 -31.68 -11.59 -10.94
N ASP D 125 -31.55 -11.44 -12.25
CA ASP D 125 -31.66 -12.58 -13.14
C ASP D 125 -30.75 -13.74 -12.75
N ALA D 126 -29.63 -13.45 -12.11
CA ALA D 126 -28.75 -14.53 -11.71
C ALA D 126 -29.48 -15.45 -10.74
N TYR D 127 -30.23 -14.86 -9.82
CA TYR D 127 -30.99 -15.62 -8.82
C TYR D 127 -32.21 -16.24 -9.48
N HIS D 128 -32.74 -15.55 -10.48
CA HIS D 128 -33.90 -16.03 -11.22
C HIS D 128 -33.62 -17.38 -11.87
N VAL D 129 -32.42 -17.50 -12.43
CA VAL D 129 -31.99 -18.73 -13.08
C VAL D 129 -31.66 -19.85 -12.12
N ILE D 130 -31.05 -19.51 -10.99
CA ILE D 130 -30.70 -20.53 -10.01
C ILE D 130 -32.00 -21.11 -9.46
N PHE D 131 -33.03 -20.27 -9.39
CA PHE D 131 -34.31 -20.71 -8.86
C PHE D 131 -35.21 -21.42 -9.86
N LYS D 132 -35.21 -20.98 -11.11
CA LYS D 132 -36.04 -21.65 -12.11
C LYS D 132 -35.51 -23.08 -12.30
N GLU D 133 -34.23 -23.22 -12.67
CA GLU D 133 -33.62 -24.52 -12.88
C GLU D 133 -33.84 -25.42 -11.69
N GLY D 134 -33.67 -24.87 -10.49
CA GLY D 134 -33.87 -25.67 -9.29
C GLY D 134 -35.29 -26.21 -9.23
N ASN D 135 -36.23 -25.44 -9.76
CA ASN D 135 -37.63 -25.84 -9.80
C ASN D 135 -37.77 -27.09 -10.66
N LEU D 136 -37.37 -26.97 -11.93
CA LEU D 136 -37.46 -28.09 -12.85
C LEU D 136 -36.25 -29.01 -12.68
N ASN D 137 -36.07 -29.48 -11.45
CA ASN D 137 -34.98 -30.38 -11.07
C ASN D 137 -35.31 -30.91 -9.69
N GLY D 138 -36.49 -30.54 -9.20
CA GLY D 138 -36.95 -30.99 -7.90
C GLY D 138 -36.15 -30.54 -6.69
N GLU D 139 -35.28 -29.57 -6.88
CA GLU D 139 -34.50 -29.08 -5.76
C GLU D 139 -35.44 -28.34 -4.84
N TRP D 140 -36.55 -27.89 -5.40
CA TRP D 140 -37.54 -27.16 -4.65
C TRP D 140 -38.66 -26.77 -5.60
N SER D 141 -39.68 -26.11 -5.04
CA SER D 141 -40.81 -25.65 -5.83
C SER D 141 -41.08 -24.24 -5.34
N ILE D 142 -40.85 -23.26 -6.21
CA ILE D 142 -41.04 -21.87 -5.85
C ILE D 142 -42.28 -21.29 -6.52
N ASN D 143 -43.27 -20.94 -5.71
CA ASN D 143 -44.51 -20.34 -6.20
C ASN D 143 -44.13 -19.23 -7.18
N ASP D 144 -43.63 -18.11 -6.64
CA ASP D 144 -43.21 -17.00 -7.50
C ASP D 144 -41.71 -16.75 -7.38
N VAL D 145 -41.02 -17.00 -8.48
CA VAL D 145 -39.59 -16.84 -8.56
C VAL D 145 -39.14 -15.37 -8.52
N ASN D 146 -39.64 -14.58 -9.47
CA ASN D 146 -39.30 -13.17 -9.56
C ASN D 146 -39.29 -12.51 -8.19
N ALA D 147 -40.18 -12.94 -7.31
CA ALA D 147 -40.24 -12.36 -5.97
C ALA D 147 -39.03 -12.81 -5.17
N VAL D 148 -39.00 -14.12 -4.88
CA VAL D 148 -37.90 -14.69 -4.13
C VAL D 148 -36.54 -14.20 -4.66
N SER D 149 -36.38 -14.13 -5.98
CA SER D 149 -35.14 -13.62 -6.56
C SER D 149 -34.78 -12.21 -6.04
N LYS D 150 -35.77 -11.30 -6.01
CA LYS D 150 -35.53 -9.96 -5.51
C LYS D 150 -35.21 -10.03 -4.02
N ILE D 151 -35.88 -10.93 -3.29
CA ILE D 151 -35.61 -11.04 -1.86
C ILE D 151 -34.16 -11.45 -1.64
N ALA D 152 -33.77 -12.55 -2.25
CA ALA D 152 -32.41 -13.05 -2.14
C ALA D 152 -31.41 -11.95 -2.45
N ALA D 153 -31.41 -11.49 -3.70
CA ALA D 153 -30.48 -10.43 -4.13
C ALA D 153 -30.30 -9.29 -3.13
N ASN D 154 -31.41 -8.71 -2.70
CA ASN D 154 -31.37 -7.62 -1.76
C ASN D 154 -30.93 -8.01 -0.37
N ALA D 155 -31.24 -9.24 0.04
CA ALA D 155 -30.82 -9.69 1.38
C ALA D 155 -29.33 -9.96 1.39
N VAL D 156 -28.85 -10.69 0.38
CA VAL D 156 -27.43 -10.99 0.28
C VAL D 156 -26.64 -9.68 0.19
N ASN D 157 -27.13 -8.75 -0.60
CA ASN D 157 -26.48 -7.48 -0.77
C ASN D 157 -26.38 -6.76 0.56
N GLY D 158 -27.29 -7.07 1.46
CA GLY D 158 -27.28 -6.44 2.75
C GLY D 158 -26.24 -7.05 3.66
N ILE D 159 -25.99 -8.35 3.51
CA ILE D 159 -24.99 -9.04 4.32
C ILE D 159 -23.65 -8.54 3.80
N VAL D 160 -23.53 -8.52 2.48
CA VAL D 160 -22.29 -8.08 1.88
C VAL D 160 -21.90 -6.67 2.26
N THR D 161 -22.81 -5.72 2.14
CA THR D 161 -22.43 -4.35 2.44
C THR D 161 -22.69 -3.85 3.85
N PHE D 162 -23.10 -4.73 4.74
CA PHE D 162 -23.32 -4.33 6.13
C PHE D 162 -22.50 -5.19 7.09
N THR D 163 -21.50 -5.89 6.57
CA THR D 163 -20.64 -6.70 7.43
C THR D 163 -19.17 -6.47 7.10
N HIS D 164 -18.85 -5.32 6.50
CA HIS D 164 -17.46 -4.98 6.16
C HIS D 164 -16.59 -4.89 7.42
N GLU D 165 -17.05 -5.52 8.51
CA GLU D 165 -16.32 -5.51 9.77
C GLU D 165 -15.34 -6.68 9.84
N GLN D 166 -15.75 -7.73 10.54
CA GLN D 166 -14.93 -8.92 10.74
C GLN D 166 -14.19 -9.34 9.47
N ASN D 167 -13.32 -10.32 9.64
CA ASN D 167 -12.50 -10.84 8.55
C ASN D 167 -13.37 -11.64 7.58
N ILE D 168 -12.94 -11.70 6.32
CA ILE D 168 -13.69 -12.41 5.30
C ILE D 168 -14.18 -13.81 5.67
N ASN D 169 -13.44 -14.53 6.50
CA ASN D 169 -13.86 -15.87 6.88
C ASN D 169 -15.09 -15.87 7.75
N GLU D 170 -15.18 -14.91 8.66
CA GLU D 170 -16.33 -14.84 9.52
C GLU D 170 -17.53 -14.40 8.68
N ARG D 171 -17.27 -13.49 7.74
CA ARG D 171 -18.31 -13.02 6.84
C ARG D 171 -18.84 -14.21 6.05
N ILE D 172 -17.94 -15.02 5.53
CA ILE D 172 -18.37 -16.17 4.75
C ILE D 172 -19.15 -17.15 5.60
N LYS D 173 -18.85 -17.17 6.89
CA LYS D 173 -19.55 -18.08 7.79
C LYS D 173 -20.99 -17.58 7.86
N LEU D 174 -21.16 -16.29 8.18
CA LEU D 174 -22.50 -15.70 8.24
C LEU D 174 -23.25 -15.92 6.93
N MET D 175 -22.62 -15.58 5.81
CA MET D 175 -23.25 -15.77 4.51
C MET D 175 -23.74 -17.21 4.30
N ASN D 176 -22.94 -18.20 4.70
CA ASN D 176 -23.36 -19.59 4.52
C ASN D 176 -24.55 -19.98 5.41
N LYS D 177 -24.60 -19.47 6.64
CA LYS D 177 -25.71 -19.81 7.52
C LYS D 177 -26.97 -19.26 6.87
N PHE D 178 -26.86 -18.05 6.32
CA PHE D 178 -28.00 -17.45 5.65
C PHE D 178 -28.36 -18.31 4.46
N SER D 179 -27.44 -18.51 3.54
CA SER D 179 -27.75 -19.31 2.36
C SER D 179 -28.48 -20.60 2.74
N GLN D 180 -28.14 -21.13 3.90
CA GLN D 180 -28.75 -22.37 4.38
C GLN D 180 -30.16 -22.13 4.88
N ILE D 181 -30.29 -21.28 5.90
CA ILE D 181 -31.58 -20.92 6.49
C ILE D 181 -32.58 -20.55 5.39
N PHE D 182 -32.13 -19.76 4.43
CA PHE D 182 -33.00 -19.32 3.34
C PHE D 182 -33.44 -20.48 2.46
N LEU D 183 -32.46 -21.12 1.83
CA LEU D 183 -32.73 -22.26 0.95
C LEU D 183 -33.66 -23.24 1.64
N ASN D 184 -33.51 -23.35 2.95
CA ASN D 184 -34.31 -24.25 3.74
C ASN D 184 -35.76 -23.84 3.76
N GLY D 185 -36.02 -22.60 4.21
CA GLY D 185 -37.38 -22.08 4.28
C GLY D 185 -38.18 -22.11 3.00
N LEU D 186 -37.67 -22.78 1.97
CA LEU D 186 -38.35 -22.89 0.70
C LEU D 186 -39.04 -24.25 0.55
N SER D 187 -40.09 -24.30 -0.26
CA SER D 187 -40.83 -25.54 -0.48
C SER D 187 -39.89 -26.66 -0.95
S SO4 E . -18.32 24.54 3.47
O1 SO4 E . -19.64 24.26 2.88
O2 SO4 E . -18.27 25.92 3.95
O3 SO4 E . -18.08 23.61 4.59
O4 SO4 E . -17.28 24.34 2.43
S SO4 F . -15.19 14.69 7.03
O1 SO4 F . -13.89 14.29 6.46
O2 SO4 F . -15.22 14.38 8.47
O3 SO4 F . -15.38 16.14 6.85
O4 SO4 F . -16.27 13.96 6.33
S SO4 G . -34.31 13.75 0.71
O1 SO4 G . -35.60 13.48 0.04
O2 SO4 G . -34.55 14.35 2.03
O3 SO4 G . -33.56 12.50 0.87
O4 SO4 G . -33.52 14.69 -0.11
S SO4 H . -16.97 19.50 6.36
O1 SO4 H . -16.45 20.56 5.47
O2 SO4 H . -15.87 18.89 7.12
O3 SO4 H . -17.94 20.08 7.31
O4 SO4 H . -17.65 18.46 5.55
S SO4 I . -37.10 11.97 2.26
O1 SO4 I . -37.68 13.31 1.96
O2 SO4 I . -38.01 11.21 3.12
O3 SO4 I . -36.83 11.24 1.01
O4 SO4 I . -35.83 12.16 2.99
S SO4 J . -4.69 5.31 -0.89
O1 SO4 J . -3.84 6.12 0.01
O2 SO4 J . -4.30 3.90 -0.76
O3 SO4 J . -4.50 5.76 -2.29
O4 SO4 J . -6.11 5.47 -0.49
S SO4 K . -8.48 -4.50 -15.61
O1 SO4 K . -8.38 -4.45 -17.09
O2 SO4 K . -9.79 -5.05 -15.22
O3 SO4 K . -7.41 -5.37 -15.08
O4 SO4 K . -8.33 -3.14 -15.07
S SO4 L . 18.23 19.13 16.90
O1 SO4 L . 19.48 18.51 17.39
O2 SO4 L . 17.91 20.31 17.71
O3 SO4 L . 18.41 19.53 15.49
O4 SO4 L . 17.12 18.15 17.00
S SO4 M . -8.42 -0.77 -0.99
O1 SO4 M . -8.09 -0.76 -2.43
O2 SO4 M . -9.57 -1.67 -0.76
O3 SO4 M . -7.26 -1.26 -0.23
O4 SO4 M . -8.75 0.59 -0.54
S SO4 N . 13.27 -5.30 7.59
O1 SO4 N . 13.84 -4.95 8.90
O2 SO4 N . 12.42 -6.49 7.73
O3 SO4 N . 14.38 -5.58 6.65
O4 SO4 N . 12.48 -4.18 7.08
S SO4 O . 17.27 -12.35 -4.63
O1 SO4 O . 17.49 -12.59 -6.07
O2 SO4 O . 16.24 -13.27 -4.13
O3 SO4 O . 18.53 -12.57 -3.88
O4 SO4 O . 16.82 -10.96 -4.42
C1 MGR P . 20.83 2.15 1.48
C2 MGR P . 21.05 1.79 0.02
C3 MGR P . 20.44 2.54 -1.07
C4 MGR P . 20.65 2.19 -2.48
C5 MGR P . 21.52 1.04 -2.83
C6 MGR P . 22.14 0.28 -1.75
C7 MGR P . 21.92 0.66 -0.36
C8 MGR P . 20.25 1.11 2.48
C9 MGR P . 19.48 -0.12 1.96
C10 MGR P . 18.91 -1.15 2.80
C11 MGR P . 19.05 -1.05 4.30
C12 MGR P . 19.81 0.17 4.88
C13 MGR P . 20.37 1.22 3.99
C14 MGR P . 21.13 3.53 1.88
C15 MGR P . 20.06 4.37 2.46
C16 MGR P . 20.33 5.73 2.85
C17 MGR P . 21.65 6.26 2.68
C18 MGR P . 22.72 5.46 2.11
C19 MGR P . 22.45 4.13 1.72
C22 MGR P . 18.69 -2.01 6.66
C23 MGR P . 17.83 -3.33 4.60
C24 MGR P . 21.30 8.74 2.45
C25 MGR P . 22.95 7.74 4.16
N2 MGR P . 18.55 -2.08 5.13
N3 MGR P . 21.92 7.50 3.06
S SO4 Q . -14.77 20.43 -9.49
O1 SO4 Q . -13.61 21.09 -10.12
O2 SO4 Q . -14.36 19.94 -8.16
O3 SO4 Q . -15.86 21.42 -9.34
O4 SO4 Q . -15.23 19.32 -10.32
S SO4 R . -21.67 16.80 -14.43
O1 SO4 R . -22.53 17.97 -14.71
O2 SO4 R . -21.29 16.17 -15.71
O3 SO4 R . -20.47 17.24 -13.71
O4 SO4 R . -22.44 15.82 -13.62
S SO4 S . -14.28 -0.48 -14.14
O1 SO4 S . -14.42 0.02 -15.52
O2 SO4 S . -14.22 -1.96 -14.14
O3 SO4 S . -13.05 0.06 -13.54
O4 SO4 S . -15.44 -0.04 -13.34
S SO4 T . -4.67 2.41 -16.76
O1 SO4 T . -4.94 1.00 -16.47
O2 SO4 T . -5.95 3.13 -16.86
O3 SO4 T . -3.84 3.01 -15.70
O4 SO4 T . -3.94 2.52 -18.05
S SO4 U . -40.26 -18.37 -15.92
O1 SO4 U . -39.32 -17.63 -16.78
O2 SO4 U . -40.50 -19.70 -16.53
O3 SO4 U . -39.68 -18.54 -14.57
O4 SO4 U . -41.52 -17.62 -15.82
#